data_6HTE
#
_entry.id   6HTE
#
_cell.length_a   55.890
_cell.length_b   61.710
_cell.length_c   110.360
_cell.angle_alpha   90.00
_cell.angle_beta   99.33
_cell.angle_gamma   90.00
#
_symmetry.space_group_name_H-M   'P 1 21 1'
#
loop_
_entity.id
_entity.type
_entity.pdbx_description
1 polymer 'Tryptophan synthase beta chain 2'
2 non-polymer DI(HYDROXYETHYL)ETHER
3 non-polymer "PYRIDOXAL-5'-PHOSPHATE"
4 water water
#
_entity_poly.entity_id   1
_entity_poly.type   'polypeptide(L)'
_entity_poly.pdbx_seq_one_letter_code
;RIRIDLPQDEIPAQWYNILPDLPEELPPPQDPTGKSLELLKEVLPSKVLELEFAKERYVKIPDEVLERYLQVGRPTPIIR
AKRLEEYLGNNIKIYLKMESYTYTGSHKINSALAHVYYAKLDNAKFVTTETGAGQWGSSVALASALFRMKAHIFMVRTSY
YAKPYRKYMMQMYGAEVHPSPSDLTEFGRQLLAKDSNHPGSLGIAISDAVEYAHKNGGKYVVGSVVNSDIMFKTIAGMEA
KKQMELIGEDPDYIIGVVGGGSNYAALAYPFLGDELRSGKVRRKYIASGSSEVPKMTKGVYKYDYPDTAKLLPMLKMYTI
GSDFVPPPVYAGGLRYHGVAPTLSLLISKGIVQARDYSQEESFKWAKLFSELEGYIPAPETSHALPILAEIAEEAKKSGE
RKTVLVSFSGHGLLDLGNYASVLFK
;
_entity_poly.pdbx_strand_id   B,D
#
loop_
_chem_comp.id
_chem_comp.type
_chem_comp.name
_chem_comp.formula
PEG non-polymer DI(HYDROXYETHYL)ETHER 'C4 H10 O3'
PLP non-polymer PYRIDOXAL-5'-PHOSPHATE 'C8 H10 N O6 P'
#
# COMPACT_ATOMS: atom_id res chain seq x y z
N ARG A 1 5.10 -18.22 8.62
CA ARG A 1 6.41 -18.23 7.97
C ARG A 1 6.20 -18.10 6.45
N ILE A 2 5.47 -17.06 6.07
CA ILE A 2 5.45 -16.60 4.69
C ILE A 2 6.48 -15.47 4.55
N ARG A 3 6.65 -14.68 5.59
CA ARG A 3 7.40 -13.46 5.53
C ARG A 3 8.72 -13.61 6.25
N ILE A 4 9.76 -13.08 5.65
CA ILE A 4 11.10 -13.01 6.21
C ILE A 4 11.38 -11.53 6.46
N ASP A 5 11.35 -11.12 7.73
CA ASP A 5 11.62 -9.75 8.09
C ASP A 5 13.09 -9.62 8.43
N LEU A 6 13.72 -8.55 7.97
CA LEU A 6 15.04 -8.19 8.49
C LEU A 6 14.84 -7.06 9.49
N PRO A 7 15.30 -7.19 10.74
CA PRO A 7 15.14 -6.09 11.70
C PRO A 7 15.84 -4.83 11.21
N GLN A 8 15.29 -3.66 11.59
CA GLN A 8 15.86 -2.41 11.11
C GLN A 8 17.28 -2.19 11.63
N ASP A 9 17.59 -2.74 12.81
CA ASP A 9 18.95 -2.56 13.32
C ASP A 9 19.95 -3.48 12.61
N GLU A 10 19.48 -4.33 11.70
CA GLU A 10 20.34 -5.15 10.84
C GLU A 10 20.37 -4.65 9.40
N ILE A 11 19.91 -3.45 9.12
CA ILE A 11 19.92 -3.02 7.73
C ILE A 11 21.36 -2.91 7.25
N PRO A 12 21.66 -3.30 6.01
CA PRO A 12 23.02 -3.13 5.49
C PRO A 12 23.46 -1.68 5.53
N ALA A 13 24.78 -1.47 5.65
CA ALA A 13 25.31 -0.12 5.79
C ALA A 13 26.14 0.31 4.60
N GLN A 14 26.21 -0.50 3.54
CA GLN A 14 26.88 -0.09 2.33
C GLN A 14 26.09 -0.52 1.11
N TRP A 15 26.24 0.29 0.08
CA TRP A 15 25.85 0.02 -1.29
C TRP A 15 26.93 -0.83 -1.97
N TYR A 16 26.52 -1.59 -2.96
CA TYR A 16 27.44 -2.41 -3.75
C TYR A 16 27.68 -1.77 -5.10
N ASN A 17 28.95 -1.66 -5.50
CA ASN A 17 29.40 -1.08 -6.76
C ASN A 17 29.98 -2.20 -7.62
N ILE A 18 29.29 -2.54 -8.71
CA ILE A 18 29.71 -3.67 -9.52
C ILE A 18 30.94 -3.37 -10.39
N LEU A 19 31.24 -2.11 -10.66
CA LEU A 19 32.22 -1.76 -11.68
C LEU A 19 33.54 -2.50 -11.53
N PRO A 20 34.21 -2.50 -10.37
CA PRO A 20 35.45 -3.25 -10.25
C PRO A 20 35.33 -4.74 -10.48
N ASP A 21 34.11 -5.29 -10.54
CA ASP A 21 33.94 -6.73 -10.68
C ASP A 21 33.44 -7.14 -12.06
N LEU A 22 33.26 -6.21 -12.96
CA LEU A 22 32.73 -6.52 -14.28
C LEU A 22 33.75 -7.29 -15.11
N PRO A 23 33.33 -8.24 -15.95
CA PRO A 23 34.28 -9.00 -16.77
C PRO A 23 35.24 -8.11 -17.50
N GLU A 24 34.77 -6.96 -17.99
CA GLU A 24 35.63 -6.06 -18.74
C GLU A 24 35.10 -4.66 -18.62
N GLU A 25 36.00 -3.69 -18.77
CA GLU A 25 35.64 -2.30 -18.51
C GLU A 25 34.45 -1.90 -19.37
N LEU A 26 33.62 -1.05 -18.80
CA LEU A 26 32.41 -0.57 -19.45
C LEU A 26 32.77 0.39 -20.57
N PRO A 27 32.21 0.24 -21.77
CA PRO A 27 32.42 1.24 -22.82
C PRO A 27 32.26 2.64 -22.26
N PRO A 28 33.22 3.52 -22.50
CA PRO A 28 33.13 4.88 -21.96
C PRO A 28 32.07 5.69 -22.69
N PRO A 29 31.50 6.69 -22.04
CA PRO A 29 30.49 7.51 -22.73
C PRO A 29 31.01 8.09 -24.04
N GLN A 30 30.17 8.84 -24.74
CA GLN A 30 30.58 9.47 -26.00
C GLN A 30 29.79 10.76 -26.15
N LYS A 41 27.02 19.12 -15.74
CA LYS A 41 27.78 19.16 -14.49
C LYS A 41 27.47 20.43 -13.69
N GLU A 42 26.67 21.31 -14.29
CA GLU A 42 26.23 22.52 -13.60
C GLU A 42 24.99 22.29 -12.76
N VAL A 43 24.17 21.31 -13.11
CA VAL A 43 22.93 21.02 -12.40
C VAL A 43 23.00 19.72 -11.63
N LEU A 44 24.08 18.98 -11.72
CA LEU A 44 24.01 17.72 -11.02
C LEU A 44 24.67 17.83 -9.64
N PRO A 45 24.07 17.20 -8.64
CA PRO A 45 24.77 17.06 -7.35
C PRO A 45 26.20 16.60 -7.57
N SER A 46 27.14 17.25 -6.90
CA SER A 46 28.54 17.03 -7.19
C SER A 46 28.98 15.61 -6.82
N LYS A 47 28.63 15.17 -5.62
CA LYS A 47 29.04 13.84 -5.20
C LYS A 47 28.40 12.74 -6.04
N VAL A 48 27.28 13.01 -6.71
CA VAL A 48 26.68 11.99 -7.57
C VAL A 48 27.61 11.72 -8.76
N LEU A 49 27.97 12.77 -9.49
CA LEU A 49 28.90 12.62 -10.61
C LEU A 49 30.15 11.87 -10.18
N GLU A 50 30.64 12.15 -8.97
CA GLU A 50 31.87 11.54 -8.49
C GLU A 50 31.73 10.04 -8.31
N LEU A 51 30.57 9.60 -7.80
CA LEU A 51 30.36 8.18 -7.53
C LEU A 51 30.16 7.37 -8.80
N GLU A 52 29.89 8.04 -9.94
CA GLU A 52 29.71 7.37 -11.22
C GLU A 52 30.98 6.67 -11.67
N PHE A 53 32.13 7.05 -11.12
CA PHE A 53 33.41 6.45 -11.42
C PHE A 53 33.95 5.66 -10.25
N ALA A 54 33.17 5.50 -9.17
CA ALA A 54 33.65 4.86 -7.95
C ALA A 54 34.48 3.64 -8.29
N LYS A 55 35.57 3.46 -7.55
CA LYS A 55 36.47 2.35 -7.78
C LYS A 55 36.42 1.31 -6.67
N GLU A 56 35.82 1.63 -5.54
CA GLU A 56 35.74 0.69 -4.44
C GLU A 56 34.44 -0.11 -4.54
N ARG A 57 34.52 -1.36 -4.10
CA ARG A 57 33.44 -2.32 -4.28
C ARG A 57 32.23 -1.99 -3.42
N TYR A 58 32.45 -1.52 -2.20
CA TYR A 58 31.39 -1.14 -1.28
C TYR A 58 31.53 0.32 -0.89
N VAL A 59 30.41 1.03 -0.88
CA VAL A 59 30.36 2.44 -0.57
C VAL A 59 29.44 2.62 0.63
N LYS A 60 29.95 3.28 1.66
CA LYS A 60 29.16 3.48 2.87
C LYS A 60 27.94 4.35 2.57
N ILE A 61 26.79 3.88 3.03
CA ILE A 61 25.56 4.66 2.95
C ILE A 61 25.66 5.77 3.98
N PRO A 62 25.55 7.03 3.59
CA PRO A 62 25.62 8.11 4.58
C PRO A 62 24.57 7.97 5.65
N ASP A 63 24.89 8.48 6.85
CA ASP A 63 24.03 8.28 8.02
C ASP A 63 22.63 8.84 7.78
N GLU A 64 22.54 10.03 7.22
CA GLU A 64 21.25 10.66 6.99
C GLU A 64 20.42 9.87 5.97
N VAL A 65 21.08 9.26 4.98
CA VAL A 65 20.34 8.49 3.98
C VAL A 65 19.80 7.23 4.64
N LEU A 66 20.65 6.51 5.38
CA LEU A 66 20.21 5.30 6.05
C LEU A 66 19.04 5.56 6.98
N GLU A 67 19.08 6.70 7.68
CA GLU A 67 17.99 7.10 8.56
C GLU A 67 16.66 7.16 7.82
N ARG A 68 16.65 7.80 6.65
CA ARG A 68 15.43 7.89 5.87
C ARG A 68 15.05 6.61 5.14
N TYR A 69 15.99 5.73 4.86
CA TYR A 69 15.63 4.37 4.44
C TYR A 69 14.75 3.70 5.49
N LEU A 70 15.16 3.78 6.77
CA LEU A 70 14.35 3.21 7.85
C LEU A 70 13.02 3.93 7.93
N GLN A 71 13.02 5.23 7.65
N GLN A 71 13.02 5.23 7.65
CA GLN A 71 11.81 6.02 7.73
CA GLN A 71 11.82 6.03 7.73
C GLN A 71 10.79 5.61 6.67
C GLN A 71 10.80 5.62 6.67
N VAL A 72 11.24 5.21 5.48
CA VAL A 72 10.30 4.94 4.38
C VAL A 72 9.94 3.46 4.28
N GLY A 73 10.33 2.67 5.25
CA GLY A 73 9.90 1.29 5.35
C GLY A 73 10.96 0.24 5.17
N ARG A 74 12.21 0.60 4.97
CA ARG A 74 13.27 -0.41 4.84
C ARG A 74 13.67 -0.92 6.22
N PRO A 75 14.17 -2.18 6.30
CA PRO A 75 14.20 -3.14 5.21
C PRO A 75 12.83 -3.67 4.79
N THR A 76 12.65 -3.90 3.50
CA THR A 76 11.44 -4.52 3.00
C THR A 76 11.50 -6.03 3.18
N PRO A 77 10.36 -6.68 3.35
CA PRO A 77 10.35 -8.12 3.55
C PRO A 77 10.53 -8.90 2.24
N ILE A 78 10.93 -10.15 2.42
CA ILE A 78 10.82 -11.18 1.39
C ILE A 78 9.62 -12.00 1.77
N ILE A 79 8.76 -12.30 0.82
CA ILE A 79 7.62 -13.18 1.04
C ILE A 79 7.75 -14.39 0.12
N ARG A 80 7.48 -15.57 0.66
CA ARG A 80 7.36 -16.77 -0.12
C ARG A 80 5.96 -16.90 -0.67
N ALA A 81 5.85 -17.18 -1.99
CA ALA A 81 4.56 -17.14 -2.67
C ALA A 81 4.04 -18.57 -2.85
N LYS A 82 3.60 -19.16 -1.74
CA LYS A 82 3.33 -20.59 -1.68
C LYS A 82 2.10 -20.97 -2.47
N ARG A 83 1.08 -20.10 -2.49
CA ARG A 83 -0.12 -20.40 -3.27
C ARG A 83 0.15 -20.35 -4.77
N LEU A 84 1.03 -19.43 -5.22
CA LEU A 84 1.52 -19.46 -6.59
C LEU A 84 2.32 -20.73 -6.87
N GLU A 85 3.21 -21.11 -5.93
CA GLU A 85 3.96 -22.35 -6.08
C GLU A 85 3.04 -23.53 -6.34
N GLU A 86 1.96 -23.64 -5.56
CA GLU A 86 1.03 -24.74 -5.79
C GLU A 86 0.40 -24.65 -7.17
N TYR A 87 -0.04 -23.45 -7.56
CA TYR A 87 -0.66 -23.30 -8.85
C TYR A 87 0.28 -23.79 -9.95
N LEU A 88 1.57 -23.55 -9.80
CA LEU A 88 2.58 -23.96 -10.76
C LEU A 88 3.10 -25.38 -10.54
N GLY A 89 2.42 -26.17 -9.68
CA GLY A 89 2.76 -27.57 -9.52
C GLY A 89 3.83 -27.87 -8.51
N ASN A 90 4.20 -26.89 -7.70
CA ASN A 90 5.24 -27.05 -6.68
C ASN A 90 6.57 -27.50 -7.26
N ASN A 91 6.79 -27.19 -8.52
CA ASN A 91 8.08 -27.48 -9.16
C ASN A 91 9.17 -26.49 -8.75
N ILE A 92 8.80 -25.32 -8.26
CA ILE A 92 9.78 -24.30 -7.90
C ILE A 92 9.34 -23.63 -6.60
N LYS A 93 10.30 -23.07 -5.90
CA LYS A 93 10.03 -22.23 -4.74
C LYS A 93 10.23 -20.78 -5.16
N ILE A 94 9.33 -19.89 -4.70
CA ILE A 94 9.30 -18.53 -5.19
C ILE A 94 9.35 -17.56 -4.01
N TYR A 95 10.39 -16.72 -3.98
CA TYR A 95 10.59 -15.72 -2.94
C TYR A 95 10.57 -14.37 -3.64
N LEU A 96 9.84 -13.42 -3.07
CA LEU A 96 9.64 -12.09 -3.63
C LEU A 96 10.28 -11.06 -2.74
N LYS A 97 11.22 -10.30 -3.27
CA LYS A 97 11.74 -9.14 -2.56
C LYS A 97 10.77 -7.99 -2.78
N MET A 98 10.11 -7.53 -1.71
CA MET A 98 8.96 -6.65 -1.80
C MET A 98 9.34 -5.18 -1.69
N GLU A 99 9.96 -4.69 -2.75
CA GLU A 99 10.23 -3.26 -2.89
C GLU A 99 8.94 -2.43 -2.96
N SER A 100 7.81 -3.08 -3.23
CA SER A 100 6.49 -2.47 -3.12
C SER A 100 6.16 -1.97 -1.72
N TYR A 101 6.85 -2.49 -0.69
CA TYR A 101 6.56 -2.16 0.70
C TYR A 101 7.08 -0.79 1.14
N THR A 102 7.89 -0.10 0.34
CA THR A 102 8.26 1.25 0.70
C THR A 102 7.02 2.16 0.62
N TYR A 103 7.09 3.28 1.33
CA TYR A 103 5.93 4.17 1.42
C TYR A 103 5.43 4.65 0.05
N THR A 104 6.30 4.83 -0.94
CA THR A 104 5.85 5.25 -2.26
C THR A 104 5.53 4.06 -3.16
N GLY A 105 5.74 2.84 -2.69
CA GLY A 105 5.29 1.69 -3.40
C GLY A 105 6.25 1.12 -4.41
N SER A 106 7.51 1.55 -4.42
CA SER A 106 8.48 0.97 -5.34
C SER A 106 9.90 1.19 -4.84
N HIS A 107 10.84 0.62 -5.56
CA HIS A 107 12.27 0.77 -5.32
C HIS A 107 12.83 2.17 -5.61
N LYS A 108 12.07 2.99 -6.31
CA LYS A 108 12.64 4.27 -6.81
C LYS A 108 13.09 5.19 -5.71
N ILE A 109 12.41 5.13 -4.56
CA ILE A 109 12.78 5.96 -3.39
C ILE A 109 14.19 5.60 -2.92
N ASN A 110 14.69 4.38 -3.20
CA ASN A 110 16.04 4.02 -2.74
C ASN A 110 17.10 4.96 -3.34
N SER A 111 16.91 5.42 -4.55
CA SER A 111 17.87 6.35 -5.13
C SER A 111 17.42 7.80 -5.02
N ALA A 112 16.11 8.04 -5.03
CA ALA A 112 15.63 9.42 -4.87
C ALA A 112 16.16 10.00 -3.56
N LEU A 113 16.20 9.20 -2.50
CA LEU A 113 16.69 9.69 -1.22
C LEU A 113 18.15 10.10 -1.33
N ALA A 114 18.95 9.31 -2.06
CA ALA A 114 20.38 9.61 -2.13
C ALA A 114 20.62 10.84 -2.99
N HIS A 115 19.94 10.94 -4.15
CA HIS A 115 20.12 12.11 -5.01
C HIS A 115 19.76 13.39 -4.26
N VAL A 116 18.73 13.35 -3.44
CA VAL A 116 18.30 14.56 -2.73
C VAL A 116 19.30 14.88 -1.63
N TYR A 117 19.77 13.88 -0.90
CA TYR A 117 20.81 14.11 0.09
C TYR A 117 22.01 14.82 -0.52
N TYR A 118 22.54 14.29 -1.62
CA TYR A 118 23.71 14.90 -2.25
C TYR A 118 23.39 16.29 -2.81
N ALA A 119 22.16 16.52 -3.29
CA ALA A 119 21.81 17.86 -3.73
C ALA A 119 21.81 18.82 -2.55
N LYS A 120 21.25 18.38 -1.43
CA LYS A 120 21.23 19.22 -0.24
C LYS A 120 22.64 19.59 0.19
N LEU A 121 23.59 18.66 0.05
CA LEU A 121 24.98 18.95 0.35
C LEU A 121 25.61 19.96 -0.60
N ASP A 122 25.07 20.10 -1.81
CA ASP A 122 25.47 21.18 -2.69
C ASP A 122 24.69 22.46 -2.43
N ASN A 123 24.01 22.55 -1.30
CA ASN A 123 23.24 23.76 -0.97
C ASN A 123 22.23 24.08 -2.06
N ALA A 124 21.54 23.05 -2.55
CA ALA A 124 20.49 23.26 -3.51
C ALA A 124 19.38 24.10 -2.88
N LYS A 125 18.93 25.11 -3.63
CA LYS A 125 17.75 25.91 -3.26
C LYS A 125 16.45 25.14 -3.44
N PHE A 126 16.42 24.24 -4.42
CA PHE A 126 15.29 23.35 -4.72
C PHE A 126 15.85 22.27 -5.64
N VAL A 127 15.06 21.22 -5.85
CA VAL A 127 15.41 20.21 -6.84
C VAL A 127 14.32 20.18 -7.89
N THR A 128 14.68 19.70 -9.07
CA THR A 128 13.71 19.55 -10.14
C THR A 128 13.87 18.15 -10.71
N THR A 129 12.84 17.71 -11.42
CA THR A 129 12.90 16.40 -12.06
C THR A 129 11.74 16.30 -13.03
N GLU A 130 11.86 15.39 -13.97
CA GLU A 130 10.76 15.08 -14.85
C GLU A 130 10.00 13.86 -14.33
N THR A 131 8.74 13.73 -14.72
CA THR A 131 8.01 12.47 -14.52
C THR A 131 6.91 12.35 -15.58
N GLY A 132 6.65 11.13 -16.00
CA GLY A 132 5.51 10.84 -16.84
C GLY A 132 4.29 10.48 -16.04
N ALA A 133 4.09 9.18 -15.83
CA ALA A 133 2.93 8.72 -15.09
C ALA A 133 2.97 9.06 -13.60
N GLY A 134 4.14 9.42 -13.07
CA GLY A 134 4.22 9.92 -11.70
C GLY A 134 5.07 9.10 -10.75
N GLN A 135 5.64 7.96 -11.15
CA GLN A 135 6.37 7.12 -10.21
C GLN A 135 7.64 7.82 -9.72
N TRP A 136 8.45 8.31 -10.64
CA TRP A 136 9.67 8.98 -10.22
C TRP A 136 9.37 10.28 -9.50
N GLY A 137 8.41 11.05 -9.99
CA GLY A 137 8.03 12.30 -9.34
C GLY A 137 7.60 12.12 -7.92
N SER A 138 6.74 11.10 -7.67
CA SER A 138 6.28 10.89 -6.30
C SER A 138 7.43 10.44 -5.41
N SER A 139 8.38 9.67 -5.94
CA SER A 139 9.52 9.26 -5.15
C SER A 139 10.41 10.46 -4.80
N VAL A 140 10.66 11.33 -5.79
CA VAL A 140 11.44 12.52 -5.50
C VAL A 140 10.70 13.45 -4.54
N ALA A 141 9.37 13.53 -4.65
CA ALA A 141 8.59 14.36 -3.75
C ALA A 141 8.72 13.88 -2.32
N LEU A 142 8.68 12.57 -2.11
CA LEU A 142 8.84 12.04 -0.76
C LEU A 142 10.25 12.29 -0.21
N ALA A 143 11.26 11.99 -1.02
CA ALA A 143 12.64 12.22 -0.57
C ALA A 143 12.86 13.67 -0.21
N SER A 144 12.30 14.57 -1.01
CA SER A 144 12.44 16.02 -0.79
C SER A 144 11.78 16.45 0.52
N ALA A 145 10.59 15.90 0.81
CA ALA A 145 9.92 16.24 2.04
C ALA A 145 10.76 15.81 3.22
N LEU A 146 11.35 14.62 3.14
CA LEU A 146 12.08 14.07 4.28
C LEU A 146 13.42 14.76 4.46
N PHE A 147 13.94 15.38 3.41
CA PHE A 147 15.12 16.22 3.53
C PHE A 147 14.81 17.70 3.61
N ARG A 148 13.53 18.07 3.75
CA ARG A 148 13.10 19.46 3.88
C ARG A 148 13.64 20.30 2.73
N MET A 149 13.37 19.83 1.53
CA MET A 149 13.83 20.42 0.28
C MET A 149 12.62 20.72 -0.60
N LYS A 150 12.66 21.88 -1.26
CA LYS A 150 11.61 22.25 -2.19
C LYS A 150 11.81 21.48 -3.50
N ALA A 151 10.74 20.89 -4.01
CA ALA A 151 10.80 20.09 -5.22
C ALA A 151 9.84 20.67 -6.24
N HIS A 152 10.35 20.91 -7.44
CA HIS A 152 9.56 21.30 -8.61
C HIS A 152 9.57 20.12 -9.57
N ILE A 153 8.41 19.52 -9.78
CA ILE A 153 8.28 18.33 -10.62
C ILE A 153 7.54 18.71 -11.89
N PHE A 154 8.08 18.32 -13.02
CA PHE A 154 7.54 18.67 -14.33
C PHE A 154 6.91 17.40 -14.91
N MET A 155 5.58 17.38 -14.94
CA MET A 155 4.80 16.22 -15.29
C MET A 155 4.20 16.45 -16.67
N VAL A 156 4.48 15.54 -17.59
CA VAL A 156 3.82 15.57 -18.89
C VAL A 156 2.34 15.90 -18.76
N ARG A 157 1.90 16.90 -19.53
CA ARG A 157 0.56 17.42 -19.34
C ARG A 157 -0.50 16.35 -19.53
N THR A 158 -0.29 15.41 -20.46
CA THR A 158 -1.31 14.38 -20.66
C THR A 158 -1.46 13.52 -19.41
N SER A 159 -0.33 13.10 -18.82
CA SER A 159 -0.39 12.32 -17.58
C SER A 159 -0.86 13.20 -16.42
N TYR A 160 -0.48 14.48 -16.42
CA TYR A 160 -0.87 15.39 -15.35
C TYR A 160 -2.38 15.44 -15.19
N TYR A 161 -3.11 15.29 -16.30
CA TYR A 161 -4.56 15.26 -16.28
C TYR A 161 -5.13 13.84 -16.34
N ALA A 162 -4.51 12.94 -17.12
CA ALA A 162 -5.06 11.58 -17.24
C ALA A 162 -4.87 10.77 -15.95
N LYS A 163 -3.68 10.85 -15.35
CA LYS A 163 -3.32 10.05 -14.17
C LYS A 163 -3.05 10.96 -12.99
N PRO A 164 -4.10 11.61 -12.45
CA PRO A 164 -3.89 12.67 -11.47
C PRO A 164 -3.52 12.21 -10.07
N TYR A 165 -3.72 10.92 -9.76
CA TYR A 165 -3.58 10.50 -8.39
C TYR A 165 -2.15 10.64 -7.89
N ARG A 166 -1.17 10.21 -8.71
CA ARG A 166 0.20 10.38 -8.28
C ARG A 166 0.59 11.85 -8.22
N LYS A 167 -0.07 12.71 -9.02
CA LYS A 167 0.12 14.16 -8.86
C LYS A 167 -0.36 14.61 -7.49
N TYR A 168 -1.52 14.12 -7.06
CA TYR A 168 -2.02 14.47 -5.72
C TYR A 168 -1.07 13.98 -4.65
N MET A 169 -0.46 12.80 -4.88
CA MET A 169 0.50 12.27 -3.94
C MET A 169 1.70 13.20 -3.80
N MET A 170 2.26 13.64 -4.93
CA MET A 170 3.35 14.60 -4.89
C MET A 170 2.96 15.82 -4.09
N GLN A 171 1.72 16.27 -4.25
CA GLN A 171 1.28 17.49 -3.59
C GLN A 171 1.07 17.28 -2.11
N MET A 172 0.57 16.10 -1.70
CA MET A 172 0.50 15.80 -0.28
C MET A 172 1.87 15.83 0.36
N TYR A 173 2.93 15.48 -0.38
CA TYR A 173 4.30 15.56 0.15
C TYR A 173 4.90 16.96 0.08
N GLY A 174 4.17 17.96 -0.43
CA GLY A 174 4.63 19.34 -0.42
C GLY A 174 5.29 19.82 -1.69
N ALA A 175 5.37 18.96 -2.72
CA ALA A 175 6.01 19.34 -3.96
C ALA A 175 5.06 20.16 -4.81
N GLU A 176 5.64 21.03 -5.64
CA GLU A 176 4.89 21.77 -6.63
C GLU A 176 4.94 20.98 -7.93
N VAL A 177 3.78 20.66 -8.52
CA VAL A 177 3.72 19.85 -9.75
C VAL A 177 3.34 20.76 -10.91
N HIS A 178 4.18 20.79 -11.95
CA HIS A 178 3.97 21.70 -13.07
C HIS A 178 3.67 20.93 -14.34
N PRO A 179 2.53 21.17 -15.00
CA PRO A 179 2.28 20.50 -16.29
C PRO A 179 3.29 20.94 -17.35
N SER A 180 3.93 19.94 -18.00
CA SER A 180 5.00 20.20 -18.96
C SER A 180 4.46 20.05 -20.39
N PRO A 181 4.71 21.04 -21.27
CA PRO A 181 5.41 22.31 -20.99
C PRO A 181 4.56 23.32 -20.19
N SER A 182 5.16 24.13 -19.30
CA SER A 182 4.39 25.03 -18.44
C SER A 182 4.67 26.52 -18.65
N ASP A 183 4.32 27.35 -17.66
CA ASP A 183 4.47 28.81 -17.73
C ASP A 183 5.83 29.30 -17.25
N LEU A 184 6.45 28.59 -16.30
CA LEU A 184 7.69 29.04 -15.67
C LEU A 184 8.80 29.06 -16.72
N THR A 185 9.29 27.90 -17.11
CA THR A 185 9.81 27.60 -18.45
C THR A 185 10.67 28.57 -19.25
N SER A 196 -0.93 25.52 -27.35
CA SER A 196 -1.63 25.97 -26.15
C SER A 196 -1.52 24.95 -25.03
N ASN A 197 -2.07 23.77 -25.24
CA ASN A 197 -2.05 22.71 -24.25
C ASN A 197 -1.32 21.53 -24.84
N HIS A 198 -0.14 21.78 -25.36
CA HIS A 198 0.76 20.76 -25.89
C HIS A 198 0.82 19.55 -24.95
N PRO A 199 0.44 18.36 -25.42
CA PRO A 199 0.39 17.19 -24.53
C PRO A 199 1.72 16.87 -23.87
N GLY A 200 2.81 17.39 -24.37
CA GLY A 200 4.11 17.11 -23.82
C GLY A 200 4.62 15.71 -24.16
N SER A 201 5.81 15.46 -23.66
CA SER A 201 6.46 14.17 -23.72
C SER A 201 7.53 14.15 -22.65
N LEU A 202 8.15 13.00 -22.44
CA LEU A 202 9.15 12.89 -21.40
C LEU A 202 10.42 13.69 -21.72
N GLY A 203 10.79 13.81 -23.00
CA GLY A 203 12.04 14.49 -23.32
C GLY A 203 11.93 15.98 -23.15
N ILE A 204 10.76 16.54 -23.45
CA ILE A 204 10.52 17.95 -23.17
C ILE A 204 10.53 18.22 -21.67
N ALA A 205 9.98 17.28 -20.88
CA ALA A 205 9.92 17.48 -19.43
C ALA A 205 11.31 17.46 -18.82
N ILE A 206 12.23 16.67 -19.36
CA ILE A 206 13.61 16.71 -18.90
C ILE A 206 14.22 18.08 -19.18
N SER A 207 14.13 18.53 -20.43
CA SER A 207 14.60 19.88 -20.74
C SER A 207 13.82 20.91 -19.93
N ASP A 208 12.52 20.71 -19.79
CA ASP A 208 11.71 21.64 -19.02
C ASP A 208 12.18 21.73 -17.56
N ALA A 209 12.62 20.61 -16.97
CA ALA A 209 13.09 20.62 -15.59
C ALA A 209 14.57 20.94 -15.49
N VAL A 210 15.37 20.54 -16.48
CA VAL A 210 16.79 20.83 -16.40
C VAL A 210 17.03 22.33 -16.54
N GLU A 211 16.19 23.01 -17.31
CA GLU A 211 16.35 24.45 -17.49
C GLU A 211 15.98 25.17 -16.20
N TYR A 212 14.79 24.88 -15.66
CA TYR A 212 14.37 25.54 -14.43
C TYR A 212 15.44 25.41 -13.36
N ALA A 213 16.12 24.26 -13.29
CA ALA A 213 17.22 24.09 -12.34
C ALA A 213 18.43 24.95 -12.73
N HIS A 214 18.66 25.13 -14.02
CA HIS A 214 19.84 25.88 -14.47
C HIS A 214 19.66 27.38 -14.25
N LYS A 215 18.52 27.92 -14.65
CA LYS A 215 18.29 29.35 -14.60
C LYS A 215 17.85 29.86 -13.22
N ASN A 216 17.56 28.98 -12.25
CA ASN A 216 17.17 29.41 -10.92
C ASN A 216 18.05 28.82 -9.82
N GLY A 217 19.24 28.32 -10.16
CA GLY A 217 20.11 27.81 -9.13
C GLY A 217 19.61 26.58 -8.42
N GLY A 218 18.71 25.82 -9.06
CA GLY A 218 18.31 24.54 -8.53
C GLY A 218 19.22 23.43 -9.03
N LYS A 219 19.04 22.25 -8.44
CA LYS A 219 19.73 21.06 -8.92
C LYS A 219 18.71 20.13 -9.58
N TYR A 220 19.17 19.44 -10.60
CA TYR A 220 18.35 18.48 -11.33
C TYR A 220 18.67 17.09 -10.79
N VAL A 221 17.63 16.37 -10.39
CA VAL A 221 17.78 15.00 -9.90
C VAL A 221 17.47 14.09 -11.07
N VAL A 222 18.45 13.31 -11.48
CA VAL A 222 18.36 12.60 -12.74
C VAL A 222 17.53 11.34 -12.52
N GLY A 223 16.50 11.17 -13.34
CA GLY A 223 15.73 9.94 -13.34
C GLY A 223 16.09 9.02 -14.50
N SER A 224 17.38 8.71 -14.63
CA SER A 224 17.86 7.86 -15.71
C SER A 224 18.78 6.80 -15.10
N VAL A 225 19.61 6.21 -15.95
CA VAL A 225 20.07 4.84 -15.79
C VAL A 225 21.57 4.77 -15.51
N VAL A 226 22.08 5.78 -14.81
CA VAL A 226 23.50 5.90 -14.57
C VAL A 226 23.95 4.86 -13.55
N ASN A 227 25.27 4.73 -13.38
CA ASN A 227 25.80 3.74 -12.45
C ASN A 227 25.50 4.12 -11.01
N SER A 228 25.66 5.39 -10.64
CA SER A 228 25.42 5.76 -9.26
C SER A 228 24.01 5.40 -8.82
N ASP A 229 23.06 5.45 -9.76
CA ASP A 229 21.64 5.27 -9.44
C ASP A 229 21.35 3.80 -9.18
N ILE A 230 21.96 2.91 -9.94
CA ILE A 230 21.88 1.50 -9.62
C ILE A 230 22.53 1.24 -8.27
N MET A 231 23.70 1.85 -8.03
CA MET A 231 24.38 1.62 -6.77
C MET A 231 23.49 1.95 -5.56
N PHE A 232 22.87 3.13 -5.57
CA PHE A 232 21.96 3.51 -4.49
C PHE A 232 20.86 2.47 -4.28
N LYS A 233 20.34 1.89 -5.38
CA LYS A 233 19.24 0.95 -5.25
C LYS A 233 19.68 -0.42 -4.74
N THR A 234 20.99 -0.70 -4.77
CA THR A 234 21.45 -2.02 -4.34
C THR A 234 21.22 -2.29 -2.87
N ILE A 235 20.74 -1.32 -2.09
CA ILE A 235 20.33 -1.64 -0.72
C ILE A 235 19.33 -2.79 -0.73
N ALA A 236 18.52 -2.89 -1.79
CA ALA A 236 17.55 -3.98 -1.86
C ALA A 236 18.24 -5.33 -1.96
N GLY A 237 19.23 -5.44 -2.87
CA GLY A 237 19.94 -6.71 -3.00
C GLY A 237 20.78 -7.04 -1.79
N MET A 238 21.43 -6.02 -1.20
CA MET A 238 22.17 -6.23 0.05
C MET A 238 21.27 -6.81 1.13
N GLU A 239 20.06 -6.25 1.28
CA GLU A 239 19.11 -6.80 2.25
C GLU A 239 18.73 -8.23 1.87
N ALA A 240 18.38 -8.46 0.59
CA ALA A 240 17.84 -9.76 0.20
C ALA A 240 18.87 -10.87 0.44
N LYS A 241 20.14 -10.58 0.24
CA LYS A 241 21.19 -11.59 0.44
C LYS A 241 21.28 -11.96 1.91
N LYS A 242 21.15 -10.96 2.79
CA LYS A 242 21.07 -11.24 4.23
C LYS A 242 19.83 -12.05 4.57
N GLN A 243 18.67 -11.69 3.99
CA GLN A 243 17.44 -12.39 4.34
C GLN A 243 17.42 -13.85 3.86
N MET A 244 17.87 -14.09 2.62
CA MET A 244 17.95 -15.45 2.11
C MET A 244 18.94 -16.26 2.93
N GLU A 245 20.07 -15.67 3.29
CA GLU A 245 21.01 -16.33 4.20
C GLU A 245 20.37 -16.63 5.55
N LEU A 246 19.34 -15.85 5.94
CA LEU A 246 18.70 -16.04 7.24
C LEU A 246 17.85 -17.30 7.28
N ILE A 247 17.24 -17.67 6.16
CA ILE A 247 16.42 -18.88 6.12
C ILE A 247 17.15 -20.04 5.45
N GLY A 248 18.39 -19.84 5.03
CA GLY A 248 19.20 -20.91 4.46
C GLY A 248 18.76 -21.30 3.07
N GLU A 249 18.44 -20.34 2.22
CA GLU A 249 17.97 -20.60 0.87
C GLU A 249 18.81 -19.81 -0.11
N ASP A 250 19.50 -20.53 -0.99
CA ASP A 250 20.31 -19.89 -2.01
C ASP A 250 19.52 -19.95 -3.30
N PRO A 251 19.17 -18.83 -3.90
CA PRO A 251 18.34 -18.89 -5.11
C PRO A 251 19.14 -19.42 -6.30
N ASP A 252 18.48 -20.27 -7.07
CA ASP A 252 19.02 -20.76 -8.34
C ASP A 252 18.79 -19.81 -9.48
N TYR A 253 17.71 -19.00 -9.41
CA TYR A 253 17.39 -17.97 -10.39
C TYR A 253 17.09 -16.66 -9.68
N ILE A 254 17.59 -15.55 -10.22
CA ILE A 254 17.20 -14.22 -9.78
C ILE A 254 16.60 -13.53 -10.99
N ILE A 255 15.38 -13.02 -10.85
CA ILE A 255 14.62 -12.53 -11.99
C ILE A 255 13.96 -11.20 -11.66
N GLY A 256 13.53 -10.51 -12.71
CA GLY A 256 12.89 -9.21 -12.59
C GLY A 256 12.63 -8.61 -13.96
N VAL A 257 12.15 -7.36 -13.93
CA VAL A 257 11.68 -6.65 -15.11
C VAL A 257 12.63 -5.49 -15.36
N VAL A 258 12.63 -4.97 -16.59
CA VAL A 258 13.55 -3.92 -17.03
C VAL A 258 12.74 -2.76 -17.62
N GLY A 259 12.65 -1.68 -16.87
CA GLY A 259 12.25 -0.41 -17.41
C GLY A 259 13.54 0.14 -17.99
N GLY A 260 14.41 0.66 -17.12
CA GLY A 260 15.79 0.95 -17.46
C GLY A 260 16.75 -0.09 -16.92
N GLY A 261 16.28 -0.96 -16.03
CA GLY A 261 17.10 -2.01 -15.46
C GLY A 261 17.59 -1.76 -14.05
N SER A 262 17.28 -0.60 -13.45
CA SER A 262 17.84 -0.30 -12.13
C SER A 262 17.27 -1.24 -11.07
N ASN A 263 15.97 -1.53 -11.09
CA ASN A 263 15.42 -2.39 -10.04
C ASN A 263 15.98 -3.81 -10.09
N TYR A 264 16.13 -4.34 -11.31
CA TYR A 264 16.66 -5.67 -11.43
C TYR A 264 18.14 -5.74 -11.04
N ALA A 265 18.96 -4.82 -11.55
CA ALA A 265 20.36 -4.84 -11.19
C ALA A 265 20.54 -4.67 -9.68
N ALA A 266 19.70 -3.84 -9.07
CA ALA A 266 19.82 -3.56 -7.65
C ALA A 266 19.66 -4.82 -6.82
N LEU A 267 18.77 -5.73 -7.24
CA LEU A 267 18.59 -7.00 -6.55
C LEU A 267 19.71 -7.96 -6.91
N ALA A 268 20.02 -8.08 -8.22
CA ALA A 268 20.90 -9.17 -8.68
C ALA A 268 22.38 -8.89 -8.43
N TYR A 269 22.83 -7.65 -8.61
CA TYR A 269 24.27 -7.39 -8.57
C TYR A 269 24.92 -7.80 -7.26
N PRO A 270 24.35 -7.55 -6.07
CA PRO A 270 25.03 -8.02 -4.87
C PRO A 270 25.26 -9.52 -4.87
N PHE A 271 24.35 -10.30 -5.48
CA PHE A 271 24.58 -11.73 -5.58
C PHE A 271 25.59 -12.04 -6.71
N LEU A 272 25.41 -11.39 -7.85
CA LEU A 272 26.19 -11.70 -9.04
C LEU A 272 27.65 -11.29 -8.86
N GLY A 273 27.90 -10.20 -8.15
CA GLY A 273 29.26 -9.71 -7.99
C GLY A 273 30.18 -10.73 -7.35
N ASP A 274 29.69 -11.46 -6.36
CA ASP A 274 30.50 -12.49 -5.73
C ASP A 274 30.75 -13.65 -6.68
N GLU A 275 29.79 -13.97 -7.57
CA GLU A 275 30.06 -15.02 -8.55
C GLU A 275 31.13 -14.57 -9.54
N LEU A 276 31.03 -13.34 -10.04
CA LEU A 276 32.04 -12.85 -10.97
C LEU A 276 33.44 -12.88 -10.36
N ARG A 277 33.56 -12.56 -9.06
CA ARG A 277 34.88 -12.59 -8.44
C ARG A 277 35.42 -14.01 -8.32
N SER A 278 34.58 -14.94 -7.86
CA SER A 278 35.01 -16.33 -7.70
C SER A 278 35.35 -17.01 -9.02
N GLY A 279 35.05 -16.37 -10.15
CA GLY A 279 35.36 -16.91 -11.45
C GLY A 279 34.19 -17.47 -12.24
N LYS A 280 33.27 -18.16 -11.56
CA LYS A 280 32.22 -18.94 -12.19
C LYS A 280 30.85 -18.40 -11.80
N VAL A 281 29.96 -18.23 -12.78
CA VAL A 281 28.58 -17.86 -12.49
C VAL A 281 27.72 -19.13 -12.51
N ARG A 282 27.16 -19.47 -11.34
CA ARG A 282 26.34 -20.64 -11.15
C ARG A 282 24.85 -20.32 -11.27
N ARG A 283 24.41 -19.22 -10.68
CA ARG A 283 23.01 -18.87 -10.70
C ARG A 283 22.57 -18.44 -12.10
N LYS A 284 21.27 -18.57 -12.37
CA LYS A 284 20.69 -18.08 -13.62
C LYS A 284 19.98 -16.75 -13.39
N TYR A 285 20.25 -15.80 -14.29
CA TYR A 285 19.77 -14.43 -14.18
C TYR A 285 18.96 -14.15 -15.43
N ILE A 286 17.66 -13.85 -15.26
CA ILE A 286 16.74 -13.68 -16.37
C ILE A 286 15.91 -12.43 -16.10
N ALA A 287 15.83 -11.56 -17.10
CA ALA A 287 15.14 -10.29 -16.97
C ALA A 287 14.23 -10.05 -18.17
N SER A 288 13.10 -9.39 -17.92
CA SER A 288 12.08 -9.24 -18.96
C SER A 288 11.68 -7.80 -19.16
N GLY A 289 11.30 -7.51 -20.41
CA GLY A 289 10.64 -6.27 -20.75
C GLY A 289 9.32 -6.55 -21.42
N SER A 290 8.73 -5.50 -22.03
CA SER A 290 7.48 -5.59 -22.77
C SER A 290 7.73 -5.79 -24.26
N SER A 291 6.98 -6.69 -24.86
CA SER A 291 7.11 -6.89 -26.30
C SER A 291 6.52 -5.73 -27.08
N GLU A 292 5.73 -4.87 -26.44
CA GLU A 292 5.31 -3.63 -27.09
C GLU A 292 6.42 -2.57 -27.08
N VAL A 293 7.46 -2.76 -26.26
CA VAL A 293 8.64 -1.88 -26.21
C VAL A 293 9.85 -2.78 -26.11
N PRO A 294 10.24 -3.51 -27.19
CA PRO A 294 11.08 -4.71 -27.06
C PRO A 294 12.59 -4.49 -27.11
N LYS A 295 13.11 -3.58 -26.27
CA LYS A 295 14.55 -3.37 -26.24
C LYS A 295 15.27 -4.61 -25.75
N MET A 296 14.61 -5.45 -24.94
CA MET A 296 15.28 -6.62 -24.37
C MET A 296 15.50 -7.72 -25.43
N THR A 297 14.55 -7.94 -26.33
CA THR A 297 14.68 -9.01 -27.32
C THR A 297 14.92 -8.55 -28.74
N LYS A 298 14.56 -7.31 -29.08
CA LYS A 298 14.81 -6.76 -30.39
C LYS A 298 15.73 -5.55 -30.36
N GLY A 299 16.22 -5.15 -29.19
CA GLY A 299 17.14 -4.03 -29.12
C GLY A 299 18.53 -4.40 -29.62
N VAL A 300 19.29 -3.37 -29.97
CA VAL A 300 20.62 -3.52 -30.52
C VAL A 300 21.60 -2.85 -29.58
N TYR A 301 22.71 -3.53 -29.29
CA TYR A 301 23.70 -3.06 -28.33
C TYR A 301 24.62 -2.07 -29.02
N LYS A 302 24.46 -0.78 -28.72
CA LYS A 302 25.18 0.27 -29.42
C LYS A 302 25.04 1.56 -28.63
N TYR A 303 25.93 2.53 -28.94
CA TYR A 303 25.81 3.85 -28.34
C TYR A 303 24.48 4.48 -28.75
N ASP A 304 23.81 5.10 -27.77
CA ASP A 304 22.56 5.81 -28.00
C ASP A 304 22.38 6.81 -26.86
N TYR A 305 21.38 7.67 -27.00
CA TYR A 305 21.11 8.74 -26.05
C TYR A 305 20.28 8.22 -24.88
N PRO A 306 20.78 8.30 -23.65
CA PRO A 306 20.05 7.67 -22.53
C PRO A 306 18.73 8.34 -22.21
N ASP A 307 18.49 9.55 -22.69
CA ASP A 307 17.21 10.22 -22.50
C ASP A 307 16.78 10.85 -23.81
N THR A 308 15.45 10.91 -24.00
CA THR A 308 14.88 11.43 -25.25
C THR A 308 15.17 12.91 -25.44
N ALA A 309 15.68 13.61 -24.41
CA ALA A 309 16.09 15.01 -24.53
C ALA A 309 17.45 15.16 -25.20
N LYS A 310 18.23 14.09 -25.25
CA LYS A 310 19.50 13.99 -25.98
C LYS A 310 20.65 14.69 -25.27
N LEU A 311 20.41 15.37 -24.16
CA LEU A 311 21.51 15.77 -23.29
C LEU A 311 21.68 14.71 -22.22
N LEU A 312 22.93 14.53 -21.78
CA LEU A 312 23.46 13.41 -21.02
C LEU A 312 24.28 12.62 -22.04
N PRO A 313 25.53 12.31 -21.75
CA PRO A 313 26.35 11.61 -22.75
C PRO A 313 25.62 10.41 -23.33
N MET A 314 26.05 9.99 -24.51
CA MET A 314 25.63 8.70 -25.05
C MET A 314 26.38 7.58 -24.34
N LEU A 315 25.70 6.45 -24.20
CA LEU A 315 26.33 5.27 -23.61
C LEU A 315 25.94 4.04 -24.42
N LYS A 316 26.77 3.01 -24.31
CA LYS A 316 26.58 1.77 -25.05
C LYS A 316 25.56 0.92 -24.29
N MET A 317 24.40 0.70 -24.91
CA MET A 317 23.33 -0.03 -24.26
C MET A 317 22.48 -0.70 -25.32
N TYR A 318 21.74 -1.72 -24.89
CA TYR A 318 20.70 -2.30 -25.75
C TYR A 318 19.60 -1.27 -25.89
N THR A 319 19.14 -1.08 -27.11
CA THR A 319 18.26 0.06 -27.35
C THR A 319 17.47 -0.20 -28.62
N ILE A 320 16.23 0.30 -28.59
CA ILE A 320 15.37 0.41 -29.76
C ILE A 320 15.20 1.87 -30.18
N GLY A 321 16.07 2.75 -29.68
CA GLY A 321 16.08 4.12 -30.15
C GLY A 321 15.44 5.12 -29.21
N SER A 322 16.19 6.19 -28.90
CA SER A 322 15.70 7.18 -27.94
C SER A 322 14.45 7.88 -28.44
N ASP A 323 14.11 7.76 -29.72
CA ASP A 323 12.92 8.39 -30.28
C ASP A 323 11.73 7.44 -30.30
N PHE A 324 11.89 6.23 -29.78
CA PHE A 324 10.80 5.26 -29.82
C PHE A 324 9.62 5.79 -29.02
N VAL A 325 8.42 5.63 -29.56
CA VAL A 325 7.20 6.00 -28.84
C VAL A 325 6.34 4.76 -28.66
N PRO A 326 6.03 4.35 -27.43
CA PRO A 326 5.21 3.15 -27.25
C PRO A 326 3.85 3.35 -27.88
N PRO A 327 3.23 2.27 -28.37
CA PRO A 327 1.84 2.37 -28.89
C PRO A 327 0.92 3.02 -27.88
N PRO A 328 -0.13 3.71 -28.34
CA PRO A 328 -1.12 4.25 -27.38
C PRO A 328 -1.79 3.17 -26.53
N VAL A 329 -1.91 1.96 -27.05
CA VAL A 329 -2.57 0.90 -26.30
C VAL A 329 -1.71 0.42 -25.11
N TYR A 330 -0.42 0.73 -25.11
CA TYR A 330 0.48 0.17 -24.12
C TYR A 330 0.23 0.80 -22.75
N ALA A 331 -0.04 -0.04 -21.74
CA ALA A 331 -0.26 0.43 -20.38
C ALA A 331 0.61 -0.30 -19.36
N GLY A 332 1.64 -1.01 -19.80
CA GLY A 332 2.49 -1.85 -18.95
C GLY A 332 3.59 -1.15 -18.18
N GLY A 333 3.88 0.12 -18.51
CA GLY A 333 4.79 0.91 -17.74
C GLY A 333 6.28 0.75 -18.00
N LEU A 334 6.71 -0.23 -18.80
CA LEU A 334 8.12 -0.37 -19.18
C LEU A 334 8.39 0.35 -20.51
N ARG A 335 8.24 1.68 -20.45
CA ARG A 335 8.25 2.54 -21.63
C ARG A 335 9.66 2.90 -22.09
N TYR A 336 10.64 2.87 -21.19
CA TYR A 336 12.00 3.28 -21.53
C TYR A 336 12.58 2.47 -22.68
N HIS A 337 13.42 3.15 -23.47
CA HIS A 337 13.85 2.60 -24.76
C HIS A 337 15.12 1.78 -24.64
N GLY A 338 15.78 1.81 -23.49
CA GLY A 338 17.12 1.29 -23.36
C GLY A 338 17.32 0.41 -22.14
N VAL A 339 18.52 -0.12 -22.04
CA VAL A 339 18.93 -0.95 -20.92
C VAL A 339 20.20 -0.35 -20.33
N ALA A 340 20.24 -0.23 -19.01
CA ALA A 340 21.41 0.30 -18.33
C ALA A 340 22.70 -0.25 -18.90
N PRO A 341 23.71 0.59 -19.13
CA PRO A 341 24.99 0.10 -19.69
C PRO A 341 25.60 -1.10 -19.01
N THR A 342 25.66 -1.18 -17.68
CA THR A 342 26.26 -2.37 -17.06
C THR A 342 25.41 -3.59 -17.29
N LEU A 343 24.08 -3.42 -17.23
CA LEU A 343 23.21 -4.56 -17.48
C LEU A 343 23.30 -5.00 -18.95
N SER A 344 23.44 -4.04 -19.87
CA SER A 344 23.62 -4.38 -21.28
C SER A 344 24.90 -5.17 -21.51
N LEU A 345 26.00 -4.70 -20.94
CA LEU A 345 27.23 -5.49 -21.00
C LEU A 345 26.99 -6.90 -20.50
N LEU A 346 26.30 -7.05 -19.36
CA LEU A 346 26.12 -8.39 -18.82
C LEU A 346 25.31 -9.24 -19.77
N ILE A 347 24.30 -8.65 -20.42
CA ILE A 347 23.46 -9.41 -21.35
C ILE A 347 24.28 -9.79 -22.59
N SER A 348 25.04 -8.84 -23.14
CA SER A 348 25.85 -9.14 -24.34
C SER A 348 26.88 -10.23 -24.05
N LYS A 349 27.36 -10.32 -22.82
CA LYS A 349 28.31 -11.36 -22.43
C LYS A 349 27.63 -12.66 -22.06
N GLY A 350 26.32 -12.72 -22.14
CA GLY A 350 25.64 -13.97 -21.86
C GLY A 350 25.40 -14.24 -20.39
N ILE A 351 25.63 -13.27 -19.52
CA ILE A 351 25.55 -13.52 -18.08
C ILE A 351 24.12 -13.35 -17.58
N VAL A 352 23.39 -12.41 -18.17
CA VAL A 352 21.97 -12.21 -17.91
C VAL A 352 21.23 -12.52 -19.20
N GLN A 353 20.20 -13.35 -19.09
CA GLN A 353 19.34 -13.69 -20.21
C GLN A 353 18.15 -12.74 -20.29
N ALA A 354 17.62 -12.62 -21.50
CA ALA A 354 16.60 -11.61 -21.81
C ALA A 354 15.32 -12.26 -22.30
N ARG A 355 14.20 -11.68 -21.89
CA ARG A 355 12.88 -12.07 -22.35
C ARG A 355 12.04 -10.82 -22.58
N ASP A 356 10.93 -11.00 -23.29
CA ASP A 356 9.90 -9.98 -23.49
C ASP A 356 8.56 -10.69 -23.60
N TYR A 357 7.53 -10.10 -23.01
CA TYR A 357 6.16 -10.62 -23.01
C TYR A 357 5.17 -9.52 -23.32
N SER A 358 4.02 -9.89 -23.88
CA SER A 358 2.99 -8.91 -24.13
C SER A 358 2.31 -8.50 -22.83
N GLN A 359 1.65 -7.34 -22.87
CA GLN A 359 0.94 -6.90 -21.68
C GLN A 359 -0.30 -7.73 -21.44
N GLU A 360 -0.88 -8.33 -22.49
CA GLU A 360 -2.02 -9.23 -22.27
C GLU A 360 -1.60 -10.46 -21.46
N GLU A 361 -0.47 -11.04 -21.82
CA GLU A 361 0.01 -12.19 -21.07
C GLU A 361 0.40 -11.80 -19.65
N SER A 362 1.09 -10.68 -19.49
CA SER A 362 1.56 -10.24 -18.19
C SER A 362 0.40 -9.84 -17.28
N PHE A 363 -0.57 -9.11 -17.84
CA PHE A 363 -1.66 -8.64 -17.01
C PHE A 363 -2.58 -9.80 -16.65
N LYS A 364 -2.69 -10.79 -17.51
CA LYS A 364 -3.41 -12.01 -17.13
C LYS A 364 -2.73 -12.68 -15.95
N TRP A 365 -1.39 -12.77 -15.95
CA TRP A 365 -0.68 -13.31 -14.79
C TRP A 365 -0.88 -12.43 -13.57
N ALA A 366 -0.94 -11.10 -13.77
CA ALA A 366 -1.10 -10.19 -12.63
C ALA A 366 -2.43 -10.44 -11.93
N LYS A 367 -3.49 -10.61 -12.72
CA LYS A 367 -4.81 -10.93 -12.17
C LYS A 367 -4.79 -12.25 -11.41
N LEU A 368 -4.14 -13.26 -11.97
CA LEU A 368 -4.06 -14.55 -11.30
C LEU A 368 -3.30 -14.45 -10.00
N PHE A 369 -2.15 -13.78 -10.05
CA PHE A 369 -1.35 -13.56 -8.84
C PHE A 369 -2.15 -12.78 -7.79
N SER A 370 -2.90 -11.77 -8.19
CA SER A 370 -3.72 -11.04 -7.22
C SER A 370 -4.68 -11.99 -6.50
N GLU A 371 -5.29 -12.90 -7.24
CA GLU A 371 -6.27 -13.77 -6.61
C GLU A 371 -5.62 -14.84 -5.74
N LEU A 372 -4.43 -15.30 -6.14
CA LEU A 372 -3.75 -16.39 -5.44
C LEU A 372 -3.05 -15.89 -4.19
N GLU A 373 -2.33 -14.77 -4.31
CA GLU A 373 -1.51 -14.27 -3.23
C GLU A 373 -2.13 -13.08 -2.51
N GLY A 374 -3.06 -12.40 -3.13
CA GLY A 374 -3.76 -11.36 -2.45
C GLY A 374 -3.18 -9.99 -2.62
N TYR A 375 -2.13 -9.84 -3.40
CA TYR A 375 -1.35 -8.61 -3.50
C TYR A 375 -1.31 -8.21 -4.96
N ILE A 376 -1.72 -6.99 -5.28
CA ILE A 376 -1.85 -6.55 -6.68
C ILE A 376 -0.50 -5.99 -7.13
N PRO A 377 0.19 -6.64 -8.06
CA PRO A 377 1.50 -6.12 -8.52
C PRO A 377 1.34 -4.88 -9.36
N ALA A 378 2.41 -4.11 -9.42
CA ALA A 378 2.46 -3.08 -10.41
C ALA A 378 2.43 -3.70 -11.82
N PRO A 379 1.83 -3.00 -12.77
CA PRO A 379 1.87 -3.50 -14.15
C PRO A 379 3.28 -3.77 -14.65
N GLU A 380 4.26 -2.92 -14.30
CA GLU A 380 5.65 -3.20 -14.63
C GLU A 380 6.09 -4.56 -14.10
N THR A 381 5.87 -4.77 -12.80
CA THR A 381 6.26 -6.01 -12.13
C THR A 381 5.62 -7.25 -12.77
N SER A 382 4.42 -7.12 -13.31
CA SER A 382 3.72 -8.29 -13.82
C SER A 382 4.49 -8.98 -14.96
N HIS A 383 5.39 -8.26 -15.63
CA HIS A 383 6.15 -8.87 -16.71
C HIS A 383 7.16 -9.91 -16.24
N ALA A 384 7.38 -10.03 -14.92
CA ALA A 384 8.25 -11.07 -14.42
C ALA A 384 7.52 -12.39 -14.22
N LEU A 385 6.19 -12.35 -14.13
CA LEU A 385 5.41 -13.55 -13.82
C LEU A 385 5.46 -14.59 -14.93
N PRO A 386 5.43 -14.20 -16.21
CA PRO A 386 5.63 -15.22 -17.27
C PRO A 386 6.98 -15.91 -17.20
N ILE A 387 8.00 -15.29 -16.60
CA ILE A 387 9.27 -15.98 -16.42
C ILE A 387 9.12 -17.15 -15.48
N LEU A 388 8.38 -16.95 -14.40
CA LEU A 388 8.18 -18.04 -13.46
C LEU A 388 7.51 -19.21 -14.13
N ALA A 389 6.53 -18.96 -14.99
CA ALA A 389 5.87 -20.06 -15.69
C ALA A 389 6.87 -20.85 -16.52
N GLU A 390 7.80 -20.17 -17.18
CA GLU A 390 8.82 -20.84 -17.97
C GLU A 390 9.77 -21.67 -17.10
N ILE A 391 10.26 -21.11 -15.99
CA ILE A 391 11.14 -21.84 -15.08
C ILE A 391 10.43 -23.07 -14.53
N ALA A 392 9.16 -22.91 -14.14
CA ALA A 392 8.38 -24.05 -13.65
C ALA A 392 8.25 -25.13 -14.73
N GLU A 393 8.11 -24.72 -16.00
CA GLU A 393 7.98 -25.71 -17.06
C GLU A 393 9.27 -26.48 -17.25
N GLU A 394 10.40 -25.79 -17.24
CA GLU A 394 11.68 -26.48 -17.33
C GLU A 394 11.91 -27.37 -16.11
N ALA A 395 11.48 -26.92 -14.93
CA ALA A 395 11.65 -27.76 -13.74
C ALA A 395 10.82 -29.02 -13.87
N LYS A 396 9.64 -28.93 -14.46
CA LYS A 396 8.78 -30.10 -14.61
C LYS A 396 9.42 -31.13 -15.54
N LYS A 397 10.16 -30.67 -16.55
CA LYS A 397 10.86 -31.56 -17.47
C LYS A 397 12.07 -32.25 -16.83
N SER A 398 12.80 -31.53 -15.96
CA SER A 398 14.21 -31.85 -15.66
C SER A 398 14.39 -33.13 -14.84
N GLY A 399 13.55 -33.44 -13.85
CA GLY A 399 12.54 -32.58 -13.28
C GLY A 399 12.99 -32.31 -11.84
N GLU A 400 13.78 -31.27 -11.72
CA GLU A 400 14.41 -30.88 -10.47
C GLU A 400 13.85 -29.55 -10.01
N ARG A 401 13.60 -29.46 -8.71
CA ARG A 401 13.05 -28.24 -8.14
C ARG A 401 14.12 -27.16 -8.15
N LYS A 402 13.67 -25.93 -8.24
CA LYS A 402 14.57 -24.76 -8.26
C LYS A 402 13.98 -23.67 -7.36
N THR A 403 14.85 -22.81 -6.86
CA THR A 403 14.48 -21.64 -6.06
C THR A 403 14.69 -20.38 -6.87
N VAL A 404 13.64 -19.54 -6.91
CA VAL A 404 13.68 -18.31 -7.68
C VAL A 404 13.48 -17.14 -6.73
N LEU A 405 14.32 -16.12 -6.86
CA LEU A 405 14.14 -14.87 -6.11
C LEU A 405 13.72 -13.80 -7.10
N VAL A 406 12.65 -13.07 -6.79
CA VAL A 406 12.00 -12.14 -7.72
C VAL A 406 12.12 -10.73 -7.16
N SER A 407 12.50 -9.80 -8.01
CA SER A 407 12.42 -8.38 -7.67
C SER A 407 10.96 -7.96 -7.81
N PHE A 408 10.25 -7.80 -6.69
CA PHE A 408 8.83 -7.46 -6.77
C PHE A 408 8.78 -5.94 -6.64
N SER A 409 8.88 -5.27 -7.78
CA SER A 409 9.33 -3.89 -7.79
C SER A 409 8.27 -2.89 -7.33
N GLY A 410 6.98 -3.21 -7.42
CA GLY A 410 5.98 -2.25 -6.98
C GLY A 410 4.61 -2.88 -6.81
N HIS A 411 3.71 -2.13 -6.20
CA HIS A 411 2.32 -2.55 -6.16
C HIS A 411 1.55 -1.79 -7.24
N GLY A 412 0.32 -2.20 -7.45
CA GLY A 412 -0.46 -1.65 -8.55
C GLY A 412 -1.64 -0.80 -8.17
N LEU A 413 -1.70 -0.35 -6.91
CA LEU A 413 -2.90 0.32 -6.44
C LEU A 413 -3.13 1.67 -7.11
N LEU A 414 -2.07 2.35 -7.59
CA LEU A 414 -2.25 3.58 -8.35
C LEU A 414 -2.33 3.32 -9.86
N ASP A 415 -2.24 2.07 -10.28
CA ASP A 415 -2.25 1.70 -11.69
C ASP A 415 -3.44 0.84 -12.08
N LEU A 416 -4.51 0.87 -11.30
CA LEU A 416 -5.64 -0.03 -11.57
C LEU A 416 -6.35 0.37 -12.85
N GLY A 417 -6.19 1.62 -13.27
CA GLY A 417 -6.77 2.05 -14.52
C GLY A 417 -6.06 1.43 -15.70
N ASN A 418 -4.73 1.25 -15.58
CA ASN A 418 -3.97 0.55 -16.59
C ASN A 418 -4.52 -0.86 -16.78
N TYR A 419 -4.67 -1.59 -15.67
CA TYR A 419 -5.18 -2.97 -15.73
C TYR A 419 -6.57 -3.00 -16.33
N ALA A 420 -7.41 -2.06 -15.93
CA ALA A 420 -8.79 -2.02 -16.42
C ALA A 420 -8.82 -1.84 -17.93
N SER A 421 -7.95 -1.00 -18.47
CA SER A 421 -8.00 -0.71 -19.91
C SER A 421 -7.72 -1.95 -20.73
N VAL A 422 -7.11 -2.98 -20.15
CA VAL A 422 -6.76 -4.21 -20.85
C VAL A 422 -7.65 -5.37 -20.45
N LEU A 423 -7.99 -5.45 -19.16
CA LEU A 423 -8.60 -6.65 -18.62
C LEU A 423 -10.10 -6.56 -18.51
N PHE A 424 -10.64 -5.37 -18.31
CA PHE A 424 -12.03 -5.20 -17.87
C PHE A 424 -12.78 -4.49 -18.97
N LYS A 425 -12.87 -5.13 -20.14
CA LYS A 425 -13.36 -4.50 -21.38
C LYS A 425 -12.31 -3.47 -21.77
N ARG B 1 15.48 2.49 14.94
CA ARG B 1 14.62 1.62 15.75
C ARG B 1 13.16 2.05 15.77
N ILE B 2 12.58 2.43 14.63
CA ILE B 2 11.25 3.02 14.68
C ILE B 2 10.13 2.03 14.40
N ARG B 3 10.43 0.87 13.83
CA ARG B 3 9.42 -0.14 13.54
C ARG B 3 9.53 -1.30 14.52
N ILE B 4 8.39 -1.72 15.02
CA ILE B 4 8.28 -2.86 15.91
C ILE B 4 7.53 -3.93 15.16
N ASP B 5 8.25 -4.95 14.70
CA ASP B 5 7.64 -6.07 13.99
C ASP B 5 7.29 -7.16 15.00
N LEU B 6 6.14 -7.79 14.81
CA LEU B 6 5.80 -9.01 15.53
C LEU B 6 5.98 -10.18 14.57
N PRO B 7 6.90 -11.10 14.83
CA PRO B 7 7.10 -12.21 13.89
C PRO B 7 5.82 -13.00 13.68
N GLN B 8 5.66 -13.53 12.44
CA GLN B 8 4.43 -14.18 12.08
C GLN B 8 4.16 -15.39 12.96
N ASP B 9 5.21 -16.10 13.38
CA ASP B 9 4.98 -17.23 14.28
C ASP B 9 4.60 -16.78 15.70
N GLU B 10 4.50 -15.49 15.96
CA GLU B 10 4.07 -14.97 17.26
C GLU B 10 2.71 -14.29 17.19
N ILE B 11 1.99 -14.47 16.10
CA ILE B 11 0.69 -13.81 15.96
C ILE B 11 -0.25 -14.35 17.04
N PRO B 12 -1.07 -13.51 17.66
CA PRO B 12 -2.06 -14.02 18.60
C PRO B 12 -3.01 -15.01 17.96
N ALA B 13 -3.52 -15.91 18.78
CA ALA B 13 -4.39 -17.00 18.31
C ALA B 13 -5.81 -16.89 18.82
N GLN B 14 -6.19 -15.80 19.46
CA GLN B 14 -7.59 -15.60 19.82
C GLN B 14 -7.99 -14.14 19.68
N TRP B 15 -9.28 -13.97 19.48
CA TRP B 15 -9.98 -12.69 19.47
C TRP B 15 -10.47 -12.38 20.89
N TYR B 16 -10.65 -11.09 21.16
CA TYR B 16 -11.14 -10.61 22.45
C TYR B 16 -12.60 -10.17 22.34
N ASN B 17 -13.44 -10.64 23.28
CA ASN B 17 -14.84 -10.28 23.40
C ASN B 17 -15.01 -9.48 24.68
N ILE B 18 -15.35 -8.20 24.54
CA ILE B 18 -15.48 -7.32 25.70
C ILE B 18 -16.78 -7.57 26.48
N LEU B 19 -17.74 -8.24 25.88
CA LEU B 19 -19.06 -8.35 26.50
C LEU B 19 -19.02 -8.79 27.94
N PRO B 20 -18.35 -9.88 28.32
CA PRO B 20 -18.32 -10.25 29.75
C PRO B 20 -17.67 -9.23 30.68
N ASP B 21 -16.87 -8.31 30.15
CA ASP B 21 -16.16 -7.34 30.97
C ASP B 21 -16.80 -5.96 30.97
N LEU B 22 -17.86 -5.74 30.21
CA LEU B 22 -18.40 -4.41 30.19
C LEU B 22 -18.91 -4.08 31.60
N PRO B 23 -18.78 -2.82 32.02
CA PRO B 23 -19.22 -2.48 33.40
C PRO B 23 -20.69 -2.73 33.61
N GLU B 24 -21.50 -2.17 32.73
CA GLU B 24 -22.94 -2.30 32.77
C GLU B 24 -23.38 -3.36 31.78
N GLU B 25 -24.59 -3.84 31.98
CA GLU B 25 -25.19 -4.71 30.99
C GLU B 25 -25.45 -3.88 29.73
N LEU B 26 -24.88 -4.33 28.61
CA LEU B 26 -25.11 -3.66 27.33
C LEU B 26 -26.50 -3.96 26.81
N PRO B 27 -27.17 -2.97 26.21
CA PRO B 27 -28.51 -3.20 25.63
C PRO B 27 -28.51 -4.39 24.70
N PRO B 28 -29.22 -5.47 25.04
CA PRO B 28 -29.35 -6.57 24.06
C PRO B 28 -29.86 -6.05 22.73
N PRO B 29 -29.43 -6.60 21.61
CA PRO B 29 -29.93 -6.13 20.31
C PRO B 29 -31.44 -6.35 20.22
N GLN B 30 -32.02 -5.82 19.15
CA GLN B 30 -33.48 -5.89 18.97
C GLN B 30 -33.79 -6.95 17.91
N LYS B 41 -32.14 -14.47 8.04
CA LYS B 41 -31.07 -15.06 8.88
C LYS B 41 -30.94 -16.54 8.49
N GLU B 42 -31.56 -16.87 7.37
CA GLU B 42 -31.08 -17.85 6.42
C GLU B 42 -29.91 -17.35 5.60
N VAL B 43 -29.64 -16.04 5.68
CA VAL B 43 -28.59 -15.42 4.89
C VAL B 43 -27.29 -15.17 5.65
N LEU B 44 -27.31 -15.19 7.01
CA LEU B 44 -26.06 -14.98 7.74
C LEU B 44 -25.39 -16.31 8.05
N PRO B 45 -24.05 -16.35 8.05
CA PRO B 45 -23.33 -17.54 8.55
C PRO B 45 -23.76 -17.86 9.98
N SER B 46 -23.98 -19.15 10.26
CA SER B 46 -24.51 -19.56 11.56
C SER B 46 -23.59 -19.14 12.69
N LYS B 47 -22.28 -19.34 12.52
CA LYS B 47 -21.35 -18.99 13.57
C LYS B 47 -21.31 -17.48 13.80
N VAL B 48 -21.57 -16.69 12.76
CA VAL B 48 -21.58 -15.25 12.96
C VAL B 48 -22.75 -14.86 13.87
N LEU B 49 -23.93 -15.42 13.60
CA LEU B 49 -25.07 -15.20 14.48
C LEU B 49 -24.78 -15.66 15.90
N GLU B 50 -24.14 -16.82 16.04
CA GLU B 50 -23.89 -17.37 17.36
C GLU B 50 -22.98 -16.46 18.15
N LEU B 51 -21.95 -15.92 17.48
CA LEU B 51 -20.92 -15.18 18.16
C LEU B 51 -21.40 -13.82 18.64
N GLU B 52 -22.50 -13.31 18.10
CA GLU B 52 -23.02 -12.02 18.55
C GLU B 52 -23.24 -12.02 20.06
N PHE B 53 -23.69 -13.16 20.59
CA PHE B 53 -24.07 -13.30 21.99
C PHE B 53 -23.05 -14.11 22.77
N ALA B 54 -21.89 -14.38 22.19
CA ALA B 54 -20.85 -15.16 22.87
C ALA B 54 -20.62 -14.62 24.26
N LYS B 55 -20.26 -15.51 25.17
CA LYS B 55 -20.08 -15.11 26.56
C LYS B 55 -18.66 -15.39 27.04
N GLU B 56 -17.89 -16.15 26.27
CA GLU B 56 -16.48 -16.32 26.61
C GLU B 56 -15.72 -15.04 26.28
N ARG B 57 -14.67 -14.81 27.08
CA ARG B 57 -13.83 -13.63 26.93
C ARG B 57 -13.00 -13.71 25.65
N TYR B 58 -12.44 -14.88 25.37
CA TYR B 58 -11.55 -15.08 24.24
C TYR B 58 -12.13 -16.16 23.36
N VAL B 59 -12.13 -15.90 22.06
CA VAL B 59 -12.60 -16.84 21.03
C VAL B 59 -11.40 -17.21 20.18
N LYS B 60 -11.11 -18.52 20.12
CA LYS B 60 -10.03 -19.04 19.31
C LYS B 60 -10.20 -18.66 17.86
N ILE B 61 -9.15 -18.10 17.27
CA ILE B 61 -9.12 -17.86 15.84
C ILE B 61 -8.94 -19.19 15.10
N PRO B 62 -9.86 -19.54 14.23
CA PRO B 62 -9.71 -20.78 13.47
C PRO B 62 -8.41 -20.78 12.68
N ASP B 63 -7.81 -21.97 12.57
CA ASP B 63 -6.50 -22.11 11.93
C ASP B 63 -6.49 -21.61 10.47
N GLU B 64 -7.58 -21.84 9.72
CA GLU B 64 -7.63 -21.40 8.32
C GLU B 64 -7.70 -19.88 8.24
N VAL B 65 -8.34 -19.24 9.23
CA VAL B 65 -8.42 -17.78 9.27
C VAL B 65 -7.05 -17.20 9.66
N LEU B 66 -6.41 -17.76 10.69
CA LEU B 66 -5.05 -17.35 11.03
C LEU B 66 -4.11 -17.40 9.84
N GLU B 67 -4.11 -18.54 9.13
CA GLU B 67 -3.27 -18.69 7.94
C GLU B 67 -3.53 -17.54 6.94
N ARG B 68 -4.78 -17.18 6.72
CA ARG B 68 -4.96 -16.07 5.78
C ARG B 68 -4.68 -14.69 6.38
N TYR B 69 -4.78 -14.53 7.70
CA TYR B 69 -4.23 -13.33 8.33
C TYR B 69 -2.76 -13.16 7.94
N LEU B 70 -2.00 -14.25 8.02
CA LEU B 70 -0.60 -14.17 7.61
C LEU B 70 -0.50 -13.86 6.13
N GLN B 71 -1.37 -14.46 5.33
CA GLN B 71 -1.33 -14.24 3.89
C GLN B 71 -1.54 -12.77 3.51
N VAL B 72 -2.31 -12.00 4.28
CA VAL B 72 -2.65 -10.62 3.88
C VAL B 72 -1.78 -9.58 4.55
N GLY B 73 -0.71 -9.99 5.20
CA GLY B 73 0.28 -9.09 5.74
C GLY B 73 0.33 -9.03 7.25
N ARG B 74 -0.49 -9.81 8.00
CA ARG B 74 -0.40 -9.74 9.44
C ARG B 74 0.80 -10.56 9.92
N PRO B 75 1.30 -10.25 11.12
CA PRO B 75 0.95 -9.11 11.94
C PRO B 75 1.42 -7.81 11.31
N THR B 76 0.68 -6.75 11.50
CA THR B 76 1.11 -5.43 11.04
C THR B 76 2.08 -4.79 12.01
N PRO B 77 2.94 -3.91 11.52
CA PRO B 77 3.92 -3.26 12.37
C PRO B 77 3.31 -2.16 13.21
N ILE B 78 3.93 -1.89 14.33
CA ILE B 78 3.80 -0.59 15.00
C ILE B 78 4.99 0.25 14.53
N ILE B 79 4.71 1.49 14.15
CA ILE B 79 5.73 2.48 13.76
C ILE B 79 5.70 3.63 14.76
N ARG B 80 6.88 4.03 15.24
CA ARG B 80 6.99 5.22 16.08
C ARG B 80 7.19 6.45 15.19
N ALA B 81 6.40 7.51 15.42
CA ALA B 81 6.40 8.68 14.54
C ALA B 81 7.26 9.78 15.14
N LYS B 82 8.55 9.53 15.11
CA LYS B 82 9.51 10.38 15.79
C LYS B 82 9.55 11.79 15.22
N ARG B 83 9.41 11.93 13.91
CA ARG B 83 9.46 13.28 13.30
C ARG B 83 8.25 14.10 13.71
N LEU B 84 7.12 13.42 13.88
CA LEU B 84 5.92 14.09 14.37
C LEU B 84 6.06 14.42 15.85
N GLU B 85 6.67 13.52 16.64
CA GLU B 85 6.99 13.83 18.05
C GLU B 85 7.82 15.11 18.15
N GLU B 86 8.86 15.21 17.33
CA GLU B 86 9.72 16.40 17.32
C GLU B 86 8.91 17.65 17.02
N TYR B 87 8.11 17.62 15.95
CA TYR B 87 7.27 18.75 15.62
C TYR B 87 6.44 19.18 16.82
N LEU B 88 5.97 18.22 17.61
CA LEU B 88 5.08 18.46 18.73
C LEU B 88 5.82 18.76 20.03
N GLY B 89 7.13 18.95 19.99
CA GLY B 89 7.89 19.32 21.17
C GLY B 89 8.46 18.18 21.98
N ASN B 90 8.45 16.95 21.48
CA ASN B 90 8.97 15.81 22.22
C ASN B 90 8.31 15.65 23.59
N ASN B 91 7.09 16.11 23.71
CA ASN B 91 6.33 15.98 24.95
C ASN B 91 5.61 14.64 25.08
N ILE B 92 5.44 13.94 23.95
CA ILE B 92 4.77 12.64 23.92
C ILE B 92 5.52 11.69 23.00
N LYS B 93 5.36 10.40 23.25
CA LYS B 93 5.78 9.36 22.33
C LYS B 93 4.55 8.88 21.53
N ILE B 94 4.74 8.67 20.23
CA ILE B 94 3.62 8.37 19.34
C ILE B 94 3.90 7.07 18.59
N TYR B 95 3.12 6.05 18.88
CA TYR B 95 3.17 4.74 18.25
C TYR B 95 1.90 4.52 17.43
N LEU B 96 2.08 4.10 16.16
CA LEU B 96 1.00 3.92 15.22
C LEU B 96 0.79 2.44 14.91
N LYS B 97 -0.35 1.89 15.26
CA LYS B 97 -0.65 0.51 14.87
C LYS B 97 -1.10 0.53 13.40
N MET B 98 -0.25 0.02 12.50
CA MET B 98 -0.40 0.23 11.05
C MET B 98 -1.30 -0.82 10.39
N GLU B 99 -2.61 -0.68 10.59
CA GLU B 99 -3.53 -1.56 9.85
C GLU B 99 -3.55 -1.23 8.37
N SER B 100 -2.98 -0.09 7.99
CA SER B 100 -2.81 0.22 6.58
C SER B 100 -1.94 -0.77 5.85
N TYR B 101 -1.13 -1.56 6.59
CA TYR B 101 -0.17 -2.49 6.04
C TYR B 101 -0.78 -3.79 5.54
N THR B 102 -2.04 -4.08 5.81
CA THR B 102 -2.65 -5.22 5.16
C THR B 102 -2.76 -4.94 3.65
N TYR B 103 -2.95 -6.01 2.89
CA TYR B 103 -2.91 -5.90 1.43
C TYR B 103 -4.06 -5.05 0.86
N THR B 104 -5.22 -5.02 1.53
CA THR B 104 -6.30 -4.13 1.14
C THR B 104 -6.20 -2.72 1.73
N GLY B 105 -5.23 -2.46 2.58
CA GLY B 105 -4.94 -1.11 3.03
C GLY B 105 -5.71 -0.66 4.24
N SER B 106 -6.36 -1.57 4.96
CA SER B 106 -7.13 -1.21 6.12
C SER B 106 -7.43 -2.45 6.96
N HIS B 107 -8.08 -2.20 8.09
CA HIS B 107 -8.46 -3.19 9.05
C HIS B 107 -9.65 -4.02 8.65
N LYS B 108 -10.37 -3.69 7.56
CA LYS B 108 -11.66 -4.32 7.25
C LYS B 108 -11.44 -5.76 6.86
N ILE B 109 -10.30 -6.08 6.28
CA ILE B 109 -9.96 -7.48 5.94
C ILE B 109 -9.98 -8.37 7.20
N ASN B 110 -9.73 -7.81 8.41
CA ASN B 110 -9.67 -8.65 9.62
C ASN B 110 -11.02 -9.30 9.91
N SER B 111 -12.10 -8.63 9.53
CA SER B 111 -13.47 -9.11 9.68
C SER B 111 -13.90 -9.93 8.47
N ALA B 112 -13.56 -9.44 7.27
CA ALA B 112 -14.00 -10.09 6.03
C ALA B 112 -13.53 -11.53 5.96
N LEU B 113 -12.29 -11.80 6.37
CA LEU B 113 -11.78 -13.16 6.33
C LEU B 113 -12.59 -14.08 7.22
N ALA B 114 -12.96 -13.60 8.41
CA ALA B 114 -13.73 -14.43 9.33
C ALA B 114 -15.12 -14.68 8.76
N HIS B 115 -15.78 -13.63 8.28
CA HIS B 115 -17.11 -13.79 7.72
C HIS B 115 -17.12 -14.79 6.58
N VAL B 116 -16.13 -14.73 5.68
CA VAL B 116 -16.10 -15.65 4.53
C VAL B 116 -15.81 -17.09 4.97
N TYR B 117 -14.91 -17.26 5.93
CA TYR B 117 -14.63 -18.59 6.47
C TYR B 117 -15.90 -19.20 7.04
N TYR B 118 -16.65 -18.46 7.85
CA TYR B 118 -17.83 -19.05 8.47
C TYR B 118 -18.93 -19.26 7.43
N ALA B 119 -18.96 -18.44 6.38
CA ALA B 119 -19.84 -18.73 5.24
C ALA B 119 -19.44 -20.04 4.57
N LYS B 120 -18.15 -20.27 4.38
CA LYS B 120 -17.68 -21.55 3.81
C LYS B 120 -18.03 -22.72 4.70
N LEU B 121 -17.94 -22.54 6.03
CA LEU B 121 -18.25 -23.61 6.96
C LEU B 121 -19.71 -24.04 6.86
N ASP B 122 -20.61 -23.10 6.55
CA ASP B 122 -22.00 -23.41 6.28
C ASP B 122 -22.24 -23.99 4.88
N ASN B 123 -21.19 -24.29 4.10
CA ASN B 123 -21.31 -24.78 2.73
C ASN B 123 -22.01 -23.78 1.82
N ALA B 124 -21.82 -22.48 2.06
CA ALA B 124 -22.40 -21.47 1.18
C ALA B 124 -21.91 -21.67 -0.24
N LYS B 125 -22.77 -21.38 -1.21
CA LYS B 125 -22.35 -21.48 -2.61
C LYS B 125 -21.55 -20.27 -3.06
N PHE B 126 -21.73 -19.14 -2.40
CA PHE B 126 -21.05 -17.88 -2.69
C PHE B 126 -21.39 -16.93 -1.55
N VAL B 127 -20.67 -15.80 -1.48
CA VAL B 127 -21.03 -14.74 -0.55
C VAL B 127 -21.48 -13.52 -1.34
N THR B 128 -22.29 -12.70 -0.69
CA THR B 128 -22.68 -11.40 -1.22
C THR B 128 -22.40 -10.36 -0.16
N THR B 129 -22.22 -9.12 -0.63
CA THR B 129 -22.20 -7.99 0.28
C THR B 129 -22.53 -6.74 -0.52
N GLU B 130 -22.85 -5.67 0.21
CA GLU B 130 -23.04 -4.37 -0.41
C GLU B 130 -21.76 -3.57 -0.29
N THR B 131 -21.59 -2.60 -1.17
CA THR B 131 -20.50 -1.65 -0.96
C THR B 131 -20.86 -0.33 -1.62
N GLY B 132 -20.31 0.73 -1.04
CA GLY B 132 -20.46 2.06 -1.60
C GLY B 132 -19.16 2.54 -2.22
N ALA B 133 -18.35 3.23 -1.43
CA ALA B 133 -17.05 3.70 -1.90
C ALA B 133 -16.12 2.54 -2.29
N GLY B 134 -16.30 1.37 -1.69
CA GLY B 134 -15.58 0.19 -2.11
C GLY B 134 -14.64 -0.41 -1.09
N GLN B 135 -14.45 0.24 0.07
CA GLN B 135 -13.55 -0.30 1.10
C GLN B 135 -13.99 -1.69 1.55
N TRP B 136 -15.27 -1.84 1.90
CA TRP B 136 -15.72 -3.15 2.36
C TRP B 136 -15.71 -4.15 1.20
N GLY B 137 -16.19 -3.74 0.03
CA GLY B 137 -16.23 -4.65 -1.11
C GLY B 137 -14.87 -5.22 -1.48
N SER B 138 -13.84 -4.35 -1.53
CA SER B 138 -12.47 -4.78 -1.73
C SER B 138 -11.99 -5.81 -0.74
N SER B 139 -12.33 -5.64 0.55
CA SER B 139 -11.89 -6.55 1.56
C SER B 139 -12.60 -7.88 1.44
N VAL B 140 -13.90 -7.87 1.17
CA VAL B 140 -14.62 -9.12 0.96
C VAL B 140 -14.09 -9.85 -0.27
N ALA B 141 -13.74 -9.08 -1.32
CA ALA B 141 -13.25 -9.66 -2.56
C ALA B 141 -11.93 -10.39 -2.33
N LEU B 142 -11.03 -9.78 -1.56
CA LEU B 142 -9.78 -10.46 -1.21
C LEU B 142 -10.07 -11.68 -0.33
N ALA B 143 -10.78 -11.48 0.77
CA ALA B 143 -11.13 -12.62 1.62
C ALA B 143 -11.69 -13.79 0.78
N SER B 144 -12.59 -13.49 -0.13
CA SER B 144 -13.23 -14.53 -0.94
C SER B 144 -12.21 -15.24 -1.82
N ALA B 145 -11.37 -14.48 -2.51
CA ALA B 145 -10.30 -15.07 -3.32
C ALA B 145 -9.49 -16.07 -2.50
N LEU B 146 -9.12 -15.70 -1.28
CA LEU B 146 -8.18 -16.51 -0.52
C LEU B 146 -8.84 -17.75 0.05
N PHE B 147 -10.16 -17.80 0.04
CA PHE B 147 -10.89 -19.03 0.39
C PHE B 147 -11.48 -19.73 -0.82
N ARG B 148 -11.17 -19.26 -2.02
CA ARG B 148 -11.74 -19.76 -3.28
C ARG B 148 -13.26 -19.76 -3.24
N MET B 149 -13.80 -18.69 -2.66
CA MET B 149 -15.22 -18.46 -2.54
C MET B 149 -15.61 -17.46 -3.61
N LYS B 150 -16.60 -17.82 -4.43
CA LYS B 150 -17.19 -16.86 -5.37
C LYS B 150 -17.84 -15.73 -4.56
N ALA B 151 -17.56 -14.48 -4.96
CA ALA B 151 -18.12 -13.28 -4.34
C ALA B 151 -18.92 -12.47 -5.37
N HIS B 152 -20.13 -12.08 -4.96
CA HIS B 152 -21.01 -11.15 -5.67
C HIS B 152 -21.16 -9.88 -4.86
N ILE B 153 -20.57 -8.80 -5.34
CA ILE B 153 -20.57 -7.53 -4.64
C ILE B 153 -21.57 -6.61 -5.31
N PHE B 154 -22.48 -6.07 -4.52
CA PHE B 154 -23.55 -5.20 -5.04
C PHE B 154 -23.15 -3.78 -4.68
N MET B 155 -22.68 -3.03 -5.68
CA MET B 155 -22.11 -1.70 -5.47
C MET B 155 -23.11 -0.62 -5.92
N VAL B 156 -23.39 0.32 -5.04
CA VAL B 156 -24.24 1.47 -5.35
C VAL B 156 -23.87 2.00 -6.72
N ARG B 157 -24.85 2.04 -7.65
CA ARG B 157 -24.54 2.28 -9.05
C ARG B 157 -23.74 3.57 -9.27
N THR B 158 -24.07 4.64 -8.56
CA THR B 158 -23.34 5.89 -8.81
C THR B 158 -21.87 5.73 -8.44
N SER B 159 -21.58 5.02 -7.33
CA SER B 159 -20.18 4.76 -6.99
C SER B 159 -19.54 3.83 -8.00
N TYR B 160 -20.30 2.83 -8.48
CA TYR B 160 -19.81 1.92 -9.51
C TYR B 160 -19.11 2.66 -10.65
N TYR B 161 -19.59 3.85 -11.01
CA TYR B 161 -19.01 4.60 -12.12
C TYR B 161 -18.10 5.73 -11.68
N ALA B 162 -18.37 6.32 -10.52
CA ALA B 162 -17.63 7.48 -10.04
C ALA B 162 -16.33 7.10 -9.34
N LYS B 163 -16.34 6.05 -8.50
CA LYS B 163 -15.14 5.61 -7.79
C LYS B 163 -14.70 4.27 -8.33
N PRO B 164 -14.22 4.22 -9.57
CA PRO B 164 -13.99 2.92 -10.20
C PRO B 164 -12.73 2.18 -9.76
N TYR B 165 -11.73 2.85 -9.17
CA TYR B 165 -10.48 2.15 -8.86
C TYR B 165 -10.71 1.01 -7.88
N ARG B 166 -11.55 1.22 -6.88
CA ARG B 166 -11.77 0.17 -5.92
C ARG B 166 -12.59 -0.96 -6.54
N LYS B 167 -13.47 -0.62 -7.49
CA LYS B 167 -14.15 -1.62 -8.28
C LYS B 167 -13.16 -2.51 -9.02
N TYR B 168 -12.17 -1.90 -9.67
CA TYR B 168 -11.13 -2.62 -10.37
C TYR B 168 -10.35 -3.51 -9.43
N MET B 169 -10.15 -3.06 -8.19
CA MET B 169 -9.48 -3.89 -7.22
C MET B 169 -10.30 -5.14 -6.92
N MET B 170 -11.59 -4.97 -6.69
CA MET B 170 -12.48 -6.12 -6.55
C MET B 170 -12.36 -7.04 -7.75
N GLN B 171 -12.34 -6.48 -8.95
CA GLN B 171 -12.29 -7.34 -10.13
C GLN B 171 -10.95 -8.05 -10.26
N MET B 172 -9.84 -7.37 -9.92
CA MET B 172 -8.55 -8.07 -9.91
C MET B 172 -8.55 -9.27 -8.97
N TYR B 173 -9.29 -9.19 -7.87
CA TYR B 173 -9.41 -10.28 -6.91
C TYR B 173 -10.43 -11.33 -7.35
N GLY B 174 -11.06 -11.14 -8.52
CA GLY B 174 -11.94 -12.12 -9.09
C GLY B 174 -13.39 -12.02 -8.69
N ALA B 175 -13.74 -10.98 -7.93
CA ALA B 175 -15.13 -10.79 -7.54
C ALA B 175 -15.95 -10.33 -8.74
N GLU B 176 -17.23 -10.65 -8.72
CA GLU B 176 -18.19 -10.15 -9.70
C GLU B 176 -18.87 -8.94 -9.08
N VAL B 177 -18.76 -7.78 -9.74
CA VAL B 177 -19.28 -6.54 -9.22
C VAL B 177 -20.54 -6.18 -10.01
N HIS B 178 -21.65 -6.01 -9.30
CA HIS B 178 -22.96 -5.74 -9.87
C HIS B 178 -23.40 -4.33 -9.47
N PRO B 179 -23.67 -3.45 -10.42
CA PRO B 179 -24.20 -2.14 -10.05
C PRO B 179 -25.61 -2.29 -9.50
N SER B 180 -25.91 -1.53 -8.45
CA SER B 180 -27.10 -1.71 -7.66
C SER B 180 -27.98 -0.46 -7.69
N PRO B 181 -29.30 -0.62 -7.88
CA PRO B 181 -30.07 -1.87 -8.00
C PRO B 181 -29.74 -2.65 -9.26
N SER B 182 -29.65 -3.97 -9.15
CA SER B 182 -29.26 -4.80 -10.29
C SER B 182 -30.49 -5.55 -10.79
N ASP B 183 -30.35 -6.15 -11.98
CA ASP B 183 -31.44 -6.94 -12.53
C ASP B 183 -31.38 -8.40 -12.08
N LEU B 184 -30.48 -8.74 -11.15
CA LEU B 184 -30.32 -10.11 -10.69
C LEU B 184 -31.33 -10.49 -9.60
N THR B 185 -32.03 -9.52 -9.03
CA THR B 185 -33.01 -9.78 -7.99
C THR B 185 -34.35 -9.17 -8.41
N GLU B 186 -35.42 -9.60 -7.75
CA GLU B 186 -36.73 -8.99 -7.99
C GLU B 186 -36.78 -7.59 -7.40
N PHE B 187 -36.19 -7.42 -6.21
CA PHE B 187 -36.16 -6.11 -5.57
C PHE B 187 -35.47 -5.09 -6.46
N GLY B 188 -34.38 -5.48 -7.11
CA GLY B 188 -33.62 -4.61 -7.98
C GLY B 188 -34.34 -4.42 -9.31
N ARG B 189 -34.81 -5.50 -9.91
CA ARG B 189 -35.52 -5.40 -11.18
C ARG B 189 -36.72 -4.47 -11.08
N GLN B 190 -37.40 -4.49 -9.93
CA GLN B 190 -38.54 -3.60 -9.72
C GLN B 190 -38.11 -2.13 -9.74
N LEU B 191 -36.97 -1.82 -9.13
CA LEU B 191 -36.53 -0.43 -9.10
C LEU B 191 -36.03 0.00 -10.46
N LEU B 192 -35.45 -0.91 -11.24
CA LEU B 192 -34.95 -0.54 -12.56
C LEU B 192 -36.10 -0.31 -13.52
N ALA B 193 -37.23 -0.97 -13.28
CA ALA B 193 -38.43 -0.73 -14.08
C ALA B 193 -38.88 0.72 -13.98
N LYS B 194 -38.60 1.39 -12.86
CA LYS B 194 -38.91 2.81 -12.73
C LYS B 194 -37.78 3.71 -13.22
N ASP B 195 -36.53 3.26 -13.12
CA ASP B 195 -35.37 4.04 -13.57
C ASP B 195 -34.29 3.04 -13.99
N SER B 196 -34.16 2.85 -15.30
CA SER B 196 -33.16 1.94 -15.87
C SER B 196 -31.74 2.31 -15.49
N ASN B 197 -31.52 3.46 -14.89
CA ASN B 197 -30.19 3.90 -14.50
C ASN B 197 -30.21 4.42 -13.08
N HIS B 198 -30.99 3.75 -12.24
CA HIS B 198 -31.21 4.20 -10.87
C HIS B 198 -29.90 4.38 -10.12
N PRO B 199 -29.70 5.50 -9.42
CA PRO B 199 -28.40 5.76 -8.78
C PRO B 199 -28.08 4.82 -7.61
N GLY B 200 -29.10 4.24 -7.00
CA GLY B 200 -28.90 3.33 -5.91
C GLY B 200 -28.57 4.01 -4.59
N SER B 201 -28.46 3.17 -3.59
CA SER B 201 -28.14 3.65 -2.26
C SER B 201 -27.58 2.46 -1.49
N LEU B 202 -27.04 2.75 -0.31
CA LEU B 202 -26.47 1.69 0.50
C LEU B 202 -27.57 0.71 0.94
N GLY B 203 -28.70 1.21 1.38
CA GLY B 203 -29.81 0.33 1.75
C GLY B 203 -30.32 -0.48 0.57
N ILE B 204 -30.41 0.12 -0.60
CA ILE B 204 -30.82 -0.63 -1.79
C ILE B 204 -29.82 -1.74 -2.08
N ALA B 205 -28.53 -1.43 -1.96
CA ALA B 205 -27.49 -2.43 -2.24
C ALA B 205 -27.53 -3.56 -1.21
N ILE B 206 -27.81 -3.24 0.06
CA ILE B 206 -28.01 -4.26 1.08
C ILE B 206 -29.16 -5.18 0.68
N SER B 207 -30.30 -4.59 0.30
CA SER B 207 -31.47 -5.40 -0.05
C SER B 207 -31.17 -6.27 -1.27
N ASP B 208 -30.40 -5.74 -2.22
CA ASP B 208 -29.96 -6.52 -3.37
C ASP B 208 -29.15 -7.75 -2.96
N ALA B 209 -28.10 -7.53 -2.15
CA ALA B 209 -27.19 -8.60 -1.77
C ALA B 209 -27.92 -9.67 -0.96
N VAL B 210 -28.77 -9.24 -0.04
CA VAL B 210 -29.50 -10.17 0.79
C VAL B 210 -30.42 -11.05 -0.06
N GLU B 211 -31.20 -10.42 -0.98
CA GLU B 211 -32.10 -11.20 -1.82
C GLU B 211 -31.31 -12.19 -2.67
N TYR B 212 -30.21 -11.76 -3.27
CA TYR B 212 -29.45 -12.65 -4.13
C TYR B 212 -28.93 -13.85 -3.34
N ALA B 213 -28.39 -13.62 -2.13
CA ALA B 213 -27.95 -14.72 -1.29
C ALA B 213 -29.10 -15.66 -1.00
N HIS B 214 -30.24 -15.08 -0.60
CA HIS B 214 -31.36 -15.85 -0.08
C HIS B 214 -31.93 -16.78 -1.14
N LYS B 215 -31.96 -16.32 -2.39
CA LYS B 215 -32.64 -17.02 -3.45
C LYS B 215 -31.74 -17.95 -4.24
N ASN B 216 -30.43 -17.95 -3.99
CA ASN B 216 -29.53 -18.74 -4.79
C ASN B 216 -28.56 -19.58 -3.97
N GLY B 217 -28.81 -19.74 -2.68
CA GLY B 217 -28.00 -20.62 -1.87
C GLY B 217 -26.71 -20.02 -1.41
N GLY B 218 -26.66 -18.69 -1.26
CA GLY B 218 -25.47 -18.02 -0.78
C GLY B 218 -25.67 -17.49 0.62
N LYS B 219 -24.64 -16.81 1.12
CA LYS B 219 -24.62 -16.19 2.44
C LYS B 219 -24.19 -14.73 2.29
N TYR B 220 -24.85 -13.85 3.03
CA TYR B 220 -24.54 -12.43 3.08
C TYR B 220 -23.52 -12.15 4.17
N VAL B 221 -22.48 -11.39 3.80
CA VAL B 221 -21.39 -11.00 4.69
C VAL B 221 -21.62 -9.55 5.08
N VAL B 222 -21.92 -9.31 6.35
CA VAL B 222 -22.37 -7.99 6.80
C VAL B 222 -21.15 -7.17 7.19
N GLY B 223 -21.12 -5.92 6.73
CA GLY B 223 -20.14 -4.96 7.18
C GLY B 223 -20.81 -3.87 7.99
N SER B 224 -21.12 -4.18 9.25
CA SER B 224 -21.80 -3.25 10.16
C SER B 224 -21.36 -3.58 11.57
N VAL B 225 -21.84 -2.79 12.52
CA VAL B 225 -21.26 -2.71 13.86
C VAL B 225 -21.78 -3.79 14.79
N VAL B 226 -22.01 -4.97 14.25
CA VAL B 226 -22.39 -6.10 15.10
C VAL B 226 -21.19 -6.48 15.96
N ASN B 227 -21.47 -7.09 17.11
CA ASN B 227 -20.43 -7.40 18.09
C ASN B 227 -19.39 -8.35 17.53
N SER B 228 -19.82 -9.31 16.69
CA SER B 228 -18.84 -10.26 16.17
C SER B 228 -17.86 -9.56 15.24
N ASP B 229 -18.31 -8.53 14.55
CA ASP B 229 -17.42 -7.86 13.62
C ASP B 229 -16.29 -7.17 14.38
N ILE B 230 -16.63 -6.45 15.45
CA ILE B 230 -15.62 -5.86 16.29
C ILE B 230 -14.71 -6.92 16.86
N MET B 231 -15.29 -8.02 17.35
CA MET B 231 -14.48 -9.09 17.89
C MET B 231 -13.46 -9.60 16.89
N PHE B 232 -13.85 -9.79 15.62
CA PHE B 232 -12.92 -10.32 14.63
C PHE B 232 -11.76 -9.36 14.41
N LYS B 233 -12.04 -8.05 14.47
CA LYS B 233 -11.00 -7.04 14.23
C LYS B 233 -10.06 -6.87 15.41
N THR B 234 -10.34 -7.49 16.58
CA THR B 234 -9.51 -7.31 17.75
C THR B 234 -8.16 -7.98 17.60
N ILE B 235 -7.94 -8.73 16.51
CA ILE B 235 -6.59 -9.23 16.26
C ILE B 235 -5.59 -8.08 16.25
N ALA B 236 -6.03 -6.89 15.84
CA ALA B 236 -5.08 -5.76 15.80
C ALA B 236 -4.70 -5.32 17.21
N GLY B 237 -5.67 -5.26 18.12
CA GLY B 237 -5.36 -4.89 19.50
C GLY B 237 -4.56 -5.97 20.22
N MET B 238 -4.90 -7.23 19.96
CA MET B 238 -4.13 -8.34 20.53
C MET B 238 -2.67 -8.25 20.09
N GLU B 239 -2.45 -8.02 18.81
CA GLU B 239 -1.09 -7.83 18.33
C GLU B 239 -0.41 -6.64 18.98
N ALA B 240 -1.13 -5.51 19.05
CA ALA B 240 -0.51 -4.26 19.52
C ALA B 240 -0.12 -4.37 20.98
N LYS B 241 -0.93 -5.08 21.77
CA LYS B 241 -0.61 -5.27 23.18
C LYS B 241 0.68 -6.04 23.33
N LYS B 242 0.87 -7.08 22.51
CA LYS B 242 2.12 -7.82 22.53
C LYS B 242 3.29 -6.97 22.05
N GLN B 243 3.11 -6.20 20.98
CA GLN B 243 4.20 -5.36 20.47
C GLN B 243 4.64 -4.32 21.50
N MET B 244 3.69 -3.62 22.14
CA MET B 244 4.04 -2.59 23.12
C MET B 244 4.72 -3.19 24.35
N GLU B 245 4.23 -4.34 24.84
CA GLU B 245 4.87 -5.01 25.97
C GLU B 245 6.28 -5.39 25.62
N LEU B 246 6.50 -5.80 24.37
CA LEU B 246 7.82 -6.22 23.91
C LEU B 246 8.85 -5.12 23.99
N ILE B 247 8.45 -3.86 23.88
CA ILE B 247 9.41 -2.77 24.02
C ILE B 247 9.25 -2.03 25.36
N GLY B 248 8.49 -2.60 26.30
CA GLY B 248 8.33 -2.01 27.62
C GLY B 248 7.52 -0.75 27.69
N GLU B 249 6.65 -0.48 26.70
CA GLU B 249 5.88 0.76 26.61
C GLU B 249 4.41 0.50 26.92
N ASP B 250 3.94 1.04 28.03
CA ASP B 250 2.53 0.95 28.39
C ASP B 250 1.86 2.23 27.94
N PRO B 251 0.95 2.21 26.97
CA PRO B 251 0.34 3.47 26.53
C PRO B 251 -0.48 4.14 27.64
N ASP B 252 -0.41 5.45 27.67
CA ASP B 252 -1.19 6.34 28.55
C ASP B 252 -2.47 6.81 27.91
N TYR B 253 -2.47 6.84 26.57
CA TYR B 253 -3.59 7.26 25.71
C TYR B 253 -3.68 6.27 24.55
N ILE B 254 -4.90 5.82 24.23
CA ILE B 254 -5.17 5.04 23.04
C ILE B 254 -6.27 5.77 22.28
N ILE B 255 -6.01 6.07 21.00
CA ILE B 255 -6.84 6.98 20.22
C ILE B 255 -7.07 6.39 18.82
N GLY B 256 -8.13 6.85 18.18
CA GLY B 256 -8.44 6.45 16.82
C GLY B 256 -9.70 7.16 16.37
N VAL B 257 -10.18 6.80 15.19
CA VAL B 257 -11.33 7.45 14.58
C VAL B 257 -12.53 6.48 14.62
N VAL B 258 -13.73 7.05 14.41
CA VAL B 258 -14.98 6.30 14.49
C VAL B 258 -15.77 6.51 13.22
N GLY B 259 -15.81 5.48 12.38
CA GLY B 259 -16.78 5.33 11.30
C GLY B 259 -17.99 4.71 11.96
N GLY B 260 -17.99 3.40 12.16
CA GLY B 260 -18.94 2.77 13.07
C GLY B 260 -18.27 2.53 14.40
N GLY B 261 -16.94 2.63 14.43
CA GLY B 261 -16.20 2.40 15.65
C GLY B 261 -15.43 1.09 15.71
N SER B 262 -15.49 0.26 14.67
CA SER B 262 -14.90 -1.07 14.79
C SER B 262 -13.37 -0.99 14.81
N ASN B 263 -12.74 -0.14 13.99
CA ASN B 263 -11.27 -0.09 14.04
C ASN B 263 -10.76 0.38 15.40
N TYR B 264 -11.41 1.37 16.02
CA TYR B 264 -10.95 1.87 17.31
C TYR B 264 -11.19 0.83 18.40
N ALA B 265 -12.40 0.29 18.46
CA ALA B 265 -12.65 -0.73 19.46
C ALA B 265 -11.67 -1.88 19.31
N ALA B 266 -11.39 -2.27 18.06
CA ALA B 266 -10.51 -3.40 17.81
C ALA B 266 -9.15 -3.19 18.43
N LEU B 267 -8.65 -1.94 18.40
CA LEU B 267 -7.38 -1.64 19.03
C LEU B 267 -7.50 -1.52 20.55
N ALA B 268 -8.51 -0.77 21.00
CA ALA B 268 -8.59 -0.37 22.39
C ALA B 268 -9.07 -1.50 23.29
N TYR B 269 -10.07 -2.27 22.84
CA TYR B 269 -10.72 -3.18 23.76
C TYR B 269 -9.77 -4.15 24.44
N PRO B 270 -8.83 -4.81 23.75
CA PRO B 270 -7.90 -5.68 24.46
C PRO B 270 -7.16 -4.99 25.60
N PHE B 271 -6.87 -3.69 25.49
CA PHE B 271 -6.26 -2.99 26.60
C PHE B 271 -7.29 -2.64 27.65
N LEU B 272 -8.47 -2.21 27.20
CA LEU B 272 -9.47 -1.67 28.11
C LEU B 272 -10.04 -2.78 28.99
N GLY B 273 -10.17 -3.97 28.42
CA GLY B 273 -10.70 -5.08 29.18
C GLY B 273 -9.89 -5.35 30.44
N ASP B 274 -8.57 -5.31 30.33
CA ASP B 274 -7.72 -5.52 31.50
C ASP B 274 -8.07 -4.54 32.60
N GLU B 275 -8.31 -3.26 32.25
CA GLU B 275 -8.59 -2.25 33.26
C GLU B 275 -10.01 -2.38 33.79
N LEU B 276 -10.98 -2.64 32.92
CA LEU B 276 -12.33 -2.91 33.38
C LEU B 276 -12.35 -4.04 34.39
N ARG B 277 -11.48 -5.06 34.21
CA ARG B 277 -11.43 -6.19 35.15
C ARG B 277 -10.78 -5.78 36.46
N SER B 278 -9.77 -4.92 36.41
CA SER B 278 -9.11 -4.45 37.62
C SER B 278 -9.99 -3.51 38.44
N GLY B 279 -11.06 -2.99 37.87
CA GLY B 279 -11.97 -2.13 38.58
C GLY B 279 -11.75 -0.63 38.40
N LYS B 280 -10.63 -0.22 37.79
CA LYS B 280 -10.37 1.19 37.59
C LYS B 280 -9.64 1.40 36.27
N VAL B 281 -10.12 2.34 35.49
CA VAL B 281 -9.54 2.70 34.21
C VAL B 281 -8.55 3.82 34.43
N ARG B 282 -7.26 3.53 34.19
CA ARG B 282 -6.18 4.50 34.30
C ARG B 282 -5.81 5.14 32.98
N ARG B 283 -5.78 4.39 31.88
CA ARG B 283 -5.46 4.97 30.59
C ARG B 283 -6.59 5.87 30.13
N LYS B 284 -6.22 6.82 29.27
CA LYS B 284 -7.19 7.69 28.62
C LYS B 284 -7.48 7.14 27.22
N TYR B 285 -8.77 7.10 26.87
CA TYR B 285 -9.28 6.55 25.61
C TYR B 285 -10.04 7.70 24.95
N ILE B 286 -9.60 8.13 23.78
CA ILE B 286 -10.18 9.26 23.08
C ILE B 286 -10.43 8.82 21.65
N ALA B 287 -11.64 9.04 21.17
CA ALA B 287 -12.02 8.65 19.82
C ALA B 287 -12.69 9.83 19.15
N SER B 288 -12.51 9.96 17.83
CA SER B 288 -13.02 11.14 17.14
C SER B 288 -13.77 10.77 15.88
N GLY B 289 -14.69 11.65 15.50
CA GLY B 289 -15.32 11.55 14.20
C GLY B 289 -15.21 12.86 13.44
N SER B 290 -16.08 13.04 12.46
CA SER B 290 -16.17 14.26 11.67
C SER B 290 -17.25 15.16 12.26
N SER B 291 -16.93 16.43 12.39
CA SER B 291 -17.97 17.37 12.86
C SER B 291 -19.04 17.61 11.80
N GLU B 292 -18.81 17.22 10.55
CA GLU B 292 -19.85 17.21 9.53
C GLU B 292 -20.83 16.04 9.71
N VAL B 293 -20.42 14.98 10.41
CA VAL B 293 -21.25 13.82 10.67
C VAL B 293 -21.09 13.53 12.17
N PRO B 294 -21.62 14.36 13.06
CA PRO B 294 -21.17 14.41 14.46
C PRO B 294 -21.90 13.47 15.42
N LYS B 295 -22.04 12.20 15.03
CA LYS B 295 -22.61 11.20 15.93
C LYS B 295 -21.82 11.07 17.23
N MET B 296 -20.50 11.34 17.20
CA MET B 296 -19.68 11.17 18.39
C MET B 296 -20.00 12.22 19.47
N THR B 297 -20.10 13.49 19.07
CA THR B 297 -20.32 14.57 20.03
C THR B 297 -21.77 15.04 20.09
N LYS B 298 -22.58 14.69 19.09
CA LYS B 298 -23.95 15.21 19.01
C LYS B 298 -24.97 14.10 18.72
N GLY B 299 -24.56 12.85 18.89
CA GLY B 299 -25.50 11.76 18.71
C GLY B 299 -26.48 11.66 19.85
N VAL B 300 -27.68 11.25 19.51
CA VAL B 300 -28.69 10.85 20.47
C VAL B 300 -28.44 9.38 20.78
N TYR B 301 -28.46 9.03 22.07
CA TYR B 301 -28.23 7.65 22.51
C TYR B 301 -29.58 6.93 22.57
N LYS B 302 -29.84 6.06 21.59
CA LYS B 302 -31.14 5.42 21.46
C LYS B 302 -31.01 4.23 20.51
N TYR B 303 -32.08 3.41 20.48
CA TYR B 303 -32.17 2.29 19.53
C TYR B 303 -32.41 2.85 18.13
N ASP B 304 -31.64 2.37 17.16
CA ASP B 304 -31.73 2.89 15.80
C ASP B 304 -31.27 1.76 14.89
N TYR B 305 -31.60 1.92 13.62
CA TYR B 305 -31.26 0.93 12.61
C TYR B 305 -29.76 1.01 12.31
N PRO B 306 -29.01 -0.08 12.45
CA PRO B 306 -27.57 -0.01 12.10
C PRO B 306 -27.32 0.08 10.62
N ASP B 307 -28.29 -0.27 9.77
CA ASP B 307 -28.15 -0.07 8.34
C ASP B 307 -29.34 0.72 7.82
N THR B 308 -29.11 1.39 6.70
CA THR B 308 -29.92 2.53 6.26
C THR B 308 -31.21 2.12 5.57
N ALA B 309 -31.42 0.84 5.31
CA ALA B 309 -32.71 0.35 4.82
C ALA B 309 -33.13 -0.89 5.62
N LYS B 310 -32.79 -0.91 6.91
CA LYS B 310 -33.21 -1.92 7.85
C LYS B 310 -32.64 -3.26 7.41
N LEU B 311 -33.28 -4.35 7.86
CA LEU B 311 -32.81 -5.72 7.76
C LEU B 311 -32.25 -6.10 9.12
N LEU B 312 -31.06 -5.60 9.44
CA LEU B 312 -30.47 -5.97 10.72
C LEU B 312 -31.31 -5.39 11.85
N PRO B 313 -31.37 -6.07 13.00
CA PRO B 313 -32.14 -5.56 14.13
C PRO B 313 -31.55 -4.28 14.71
N MET B 314 -32.42 -3.52 15.36
CA MET B 314 -31.99 -2.26 15.95
C MET B 314 -30.98 -2.49 17.05
N LEU B 315 -30.08 -1.52 17.19
CA LEU B 315 -29.03 -1.52 18.19
C LEU B 315 -29.09 -0.19 18.94
N LYS B 316 -28.72 -0.22 20.20
CA LYS B 316 -28.70 0.97 21.05
C LYS B 316 -27.36 1.67 20.84
N MET B 317 -27.37 2.81 20.17
CA MET B 317 -26.13 3.47 19.80
C MET B 317 -26.28 4.98 19.77
N TYR B 318 -25.14 5.69 19.85
CA TYR B 318 -25.09 7.11 19.47
C TYR B 318 -25.43 7.23 18.00
N THR B 319 -26.44 8.04 17.70
CA THR B 319 -26.89 8.12 16.31
C THR B 319 -27.35 9.52 15.99
N ILE B 320 -27.15 9.91 14.74
CA ILE B 320 -27.77 11.09 14.18
C ILE B 320 -28.84 10.71 13.13
N GLY B 321 -29.26 9.44 13.13
CA GLY B 321 -30.35 9.04 12.27
C GLY B 321 -29.88 8.36 10.99
N SER B 322 -30.42 7.19 10.70
CA SER B 322 -30.00 6.41 9.56
C SER B 322 -30.38 7.04 8.22
N ASP B 323 -31.19 8.11 8.23
CA ASP B 323 -31.48 8.90 7.03
C ASP B 323 -30.56 10.13 6.92
N PHE B 324 -29.57 10.27 7.80
CA PHE B 324 -28.61 11.37 7.70
C PHE B 324 -27.79 11.21 6.44
N VAL B 325 -27.67 12.28 5.64
CA VAL B 325 -26.79 12.31 4.50
C VAL B 325 -25.86 13.49 4.65
N PRO B 326 -24.53 13.29 4.54
CA PRO B 326 -23.61 14.40 4.78
C PRO B 326 -23.65 15.42 3.68
N PRO B 327 -23.32 16.69 3.96
CA PRO B 327 -23.22 17.70 2.90
C PRO B 327 -22.36 17.22 1.76
N PRO B 328 -22.65 17.65 0.53
CA PRO B 328 -21.89 17.13 -0.63
C PRO B 328 -20.41 17.53 -0.63
N VAL B 329 -20.04 18.58 0.10
CA VAL B 329 -18.62 18.93 0.19
C VAL B 329 -17.86 18.00 1.13
N TYR B 330 -18.55 17.24 1.97
CA TYR B 330 -17.86 16.32 2.89
C TYR B 330 -17.15 15.21 2.11
N ALA B 331 -15.86 15.01 2.43
CA ALA B 331 -15.05 13.96 1.83
C ALA B 331 -14.17 13.26 2.87
N GLY B 332 -14.54 13.35 4.16
CA GLY B 332 -13.73 12.75 5.23
C GLY B 332 -13.89 11.26 5.40
N GLY B 333 -14.90 10.66 4.79
CA GLY B 333 -15.06 9.21 4.77
C GLY B 333 -15.70 8.61 6.00
N LEU B 334 -16.02 9.42 7.01
CA LEU B 334 -16.68 8.90 8.21
C LEU B 334 -18.17 9.23 8.17
N ARG B 335 -18.81 8.75 7.12
CA ARG B 335 -20.19 9.09 6.77
C ARG B 335 -21.22 8.35 7.62
N TYR B 336 -20.82 7.23 8.24
CA TYR B 336 -21.78 6.37 8.95
C TYR B 336 -22.43 7.12 10.12
N HIS B 337 -23.71 6.83 10.38
CA HIS B 337 -24.54 7.67 11.24
C HIS B 337 -24.55 7.26 12.70
N GLY B 338 -23.96 6.10 13.04
CA GLY B 338 -24.05 5.57 14.38
C GLY B 338 -22.71 5.07 14.87
N VAL B 339 -22.66 4.79 16.17
CA VAL B 339 -21.50 4.25 16.85
C VAL B 339 -21.87 2.87 17.36
N ALA B 340 -20.95 1.92 17.20
CA ALA B 340 -21.14 0.59 17.73
C ALA B 340 -21.73 0.61 19.13
N PRO B 341 -22.63 -0.32 19.44
CA PRO B 341 -23.31 -0.29 20.75
C PRO B 341 -22.40 -0.41 21.94
N THR B 342 -21.39 -1.29 21.93
CA THR B 342 -20.52 -1.37 23.09
C THR B 342 -19.72 -0.08 23.28
N LEU B 343 -19.26 0.52 22.18
CA LEU B 343 -18.49 1.77 22.29
C LEU B 343 -19.40 2.90 22.73
N SER B 344 -20.64 2.94 22.23
CA SER B 344 -21.61 3.91 22.69
C SER B 344 -21.79 3.84 24.20
N LEU B 345 -21.94 2.63 24.73
CA LEU B 345 -22.04 2.45 26.18
C LEU B 345 -20.83 3.03 26.90
N LEU B 346 -19.63 2.68 26.44
CA LEU B 346 -18.40 3.18 27.04
C LEU B 346 -18.34 4.70 27.00
N ILE B 347 -18.78 5.31 25.90
CA ILE B 347 -18.75 6.76 25.86
C ILE B 347 -19.74 7.34 26.88
N SER B 348 -20.90 6.70 27.02
CA SER B 348 -21.93 7.25 27.90
C SER B 348 -21.54 7.12 29.36
N LYS B 349 -20.69 6.16 29.70
CA LYS B 349 -20.18 6.03 31.05
C LYS B 349 -18.92 6.87 31.33
N GLY B 350 -18.51 7.70 30.37
CA GLY B 350 -17.32 8.52 30.53
C GLY B 350 -16.00 7.77 30.42
N ILE B 351 -16.02 6.52 29.95
CA ILE B 351 -14.81 5.73 29.87
C ILE B 351 -14.02 6.05 28.60
N VAL B 352 -14.71 6.24 27.48
CA VAL B 352 -14.09 6.72 26.24
C VAL B 352 -14.56 8.15 26.03
N GLN B 353 -13.62 9.05 25.76
CA GLN B 353 -13.96 10.44 25.50
C GLN B 353 -14.19 10.65 24.01
N ALA B 354 -15.15 11.50 23.66
CA ALA B 354 -15.49 11.76 22.24
C ALA B 354 -14.98 13.10 21.76
N ARG B 355 -14.48 13.14 20.53
CA ARG B 355 -14.08 14.40 19.87
C ARG B 355 -14.61 14.39 18.43
N ASP B 356 -14.76 15.58 17.84
CA ASP B 356 -15.09 15.66 16.41
C ASP B 356 -14.30 16.84 15.83
N TYR B 357 -13.77 16.66 14.63
CA TYR B 357 -12.97 17.71 13.99
C TYR B 357 -13.51 17.94 12.60
N SER B 358 -13.32 19.15 12.08
CA SER B 358 -13.74 19.47 10.72
C SER B 358 -12.81 18.77 9.72
N GLN B 359 -13.27 18.62 8.47
CA GLN B 359 -12.40 18.00 7.50
C GLN B 359 -11.25 18.94 7.08
N GLU B 360 -11.43 20.25 7.22
CA GLU B 360 -10.31 21.16 6.99
C GLU B 360 -9.19 20.96 8.02
N GLU B 361 -9.55 20.80 9.29
CA GLU B 361 -8.55 20.62 10.34
C GLU B 361 -7.85 19.28 10.22
N SER B 362 -8.63 18.22 10.01
CA SER B 362 -8.06 16.90 9.83
C SER B 362 -7.18 16.79 8.60
N PHE B 363 -7.62 17.32 7.44
CA PHE B 363 -6.79 17.19 6.22
C PHE B 363 -5.52 18.05 6.29
N LYS B 364 -5.60 19.18 6.98
CA LYS B 364 -4.39 19.94 7.30
C LYS B 364 -3.39 19.04 8.03
N TRP B 365 -3.86 18.32 9.05
CA TRP B 365 -2.97 17.42 9.76
C TRP B 365 -2.54 16.26 8.87
N ALA B 366 -3.40 15.77 7.97
CA ALA B 366 -2.96 14.70 7.06
C ALA B 366 -1.76 15.15 6.22
N LYS B 367 -1.85 16.36 5.68
CA LYS B 367 -0.77 16.87 4.85
C LYS B 367 0.51 17.03 5.67
N LEU B 368 0.40 17.64 6.85
CA LEU B 368 1.56 17.75 7.73
C LEU B 368 2.16 16.39 7.99
N PHE B 369 1.33 15.42 8.37
CA PHE B 369 1.86 14.10 8.67
C PHE B 369 2.52 13.47 7.44
N SER B 370 1.94 13.66 6.24
CA SER B 370 2.51 13.13 5.03
C SER B 370 3.90 13.72 4.77
N GLU B 371 4.08 15.02 5.03
CA GLU B 371 5.39 15.64 4.85
C GLU B 371 6.38 15.26 5.95
N LEU B 372 5.92 15.12 7.21
CA LEU B 372 6.85 14.82 8.28
C LEU B 372 7.28 13.36 8.28
N GLU B 373 6.32 12.43 8.13
CA GLU B 373 6.59 11.02 8.27
C GLU B 373 6.63 10.27 6.92
N GLY B 374 6.10 10.82 5.86
CA GLY B 374 6.27 10.24 4.53
C GLY B 374 5.22 9.23 4.13
N TYR B 375 4.16 9.10 4.92
CA TYR B 375 3.12 8.10 4.70
C TYR B 375 1.79 8.81 4.71
N ILE B 376 0.99 8.58 3.66
CA ILE B 376 -0.25 9.32 3.46
C ILE B 376 -1.38 8.58 4.17
N PRO B 377 -1.96 9.15 5.21
CA PRO B 377 -3.08 8.50 5.91
C PRO B 377 -4.33 8.48 5.05
N ALA B 378 -5.18 7.51 5.36
CA ALA B 378 -6.53 7.58 4.82
C ALA B 378 -7.21 8.83 5.35
N PRO B 379 -8.11 9.40 4.58
CA PRO B 379 -8.90 10.53 5.07
C PRO B 379 -9.61 10.23 6.39
N GLU B 380 -10.14 9.03 6.53
CA GLU B 380 -10.79 8.66 7.77
C GLU B 380 -9.81 8.71 8.91
N THR B 381 -8.63 8.11 8.73
CA THR B 381 -7.62 8.10 9.77
C THR B 381 -7.17 9.50 10.18
N SER B 382 -7.24 10.47 9.26
CA SER B 382 -6.67 11.76 9.56
C SER B 382 -7.40 12.46 10.73
N HIS B 383 -8.64 12.08 11.02
CA HIS B 383 -9.36 12.73 12.12
C HIS B 383 -8.82 12.37 13.50
N ALA B 384 -7.92 11.39 13.59
CA ALA B 384 -7.26 11.12 14.87
C ALA B 384 -6.15 12.12 15.14
N LEU B 385 -5.56 12.69 14.10
CA LEU B 385 -4.38 13.52 14.30
C LEU B 385 -4.62 14.74 15.17
N PRO B 386 -5.71 15.46 15.06
CA PRO B 386 -5.91 16.62 15.95
C PRO B 386 -5.92 16.27 17.42
N ILE B 387 -6.30 15.03 17.78
CA ILE B 387 -6.25 14.65 19.19
C ILE B 387 -4.82 14.81 19.74
N LEU B 388 -3.81 14.61 18.90
CA LEU B 388 -2.43 14.61 19.41
C LEU B 388 -2.04 15.97 19.99
N ALA B 389 -2.48 17.07 19.38
CA ALA B 389 -2.13 18.38 19.89
C ALA B 389 -2.74 18.61 21.25
N GLU B 390 -3.96 18.12 21.48
CA GLU B 390 -4.57 18.18 22.80
C GLU B 390 -3.75 17.38 23.81
N ILE B 391 -3.32 16.18 23.44
CA ILE B 391 -2.52 15.36 24.37
C ILE B 391 -1.17 16.03 24.66
N ALA B 392 -0.50 16.51 23.62
CA ALA B 392 0.79 17.16 23.86
C ALA B 392 0.70 18.25 24.93
N GLU B 393 -0.34 19.08 24.85
CA GLU B 393 -0.58 20.11 25.88
C GLU B 393 -0.77 19.49 27.26
N GLU B 394 -1.71 18.55 27.38
CA GLU B 394 -1.94 17.90 28.65
C GLU B 394 -0.67 17.26 29.21
N ALA B 395 0.13 16.64 28.35
CA ALA B 395 1.30 15.91 28.83
C ALA B 395 2.33 16.87 29.39
N LYS B 396 2.50 18.02 28.76
CA LYS B 396 3.44 19.00 29.26
C LYS B 396 3.16 19.35 30.73
N LYS B 397 1.89 19.51 31.08
CA LYS B 397 1.50 19.86 32.45
C LYS B 397 1.85 18.76 33.44
N SER B 398 1.97 17.52 32.99
CA SER B 398 2.24 16.41 33.90
C SER B 398 3.70 16.34 34.33
N GLY B 399 4.63 16.89 33.54
CA GLY B 399 6.03 16.73 33.83
C GLY B 399 6.63 15.39 33.43
N GLU B 400 5.79 14.47 32.93
CA GLU B 400 6.23 13.20 32.37
C GLU B 400 5.98 13.23 30.87
N ARG B 401 6.68 12.38 30.15
CA ARG B 401 6.44 12.21 28.73
C ARG B 401 5.42 11.08 28.56
N LYS B 402 4.25 11.40 28.00
CA LYS B 402 3.18 10.40 27.91
C LYS B 402 3.24 9.66 26.56
N THR B 403 2.84 8.41 26.57
CA THR B 403 2.85 7.54 25.40
C THR B 403 1.45 7.41 24.81
N VAL B 404 1.32 7.64 23.51
CA VAL B 404 0.06 7.53 22.80
C VAL B 404 0.14 6.38 21.78
N LEU B 405 -0.84 5.49 21.80
CA LEU B 405 -1.03 4.47 20.77
C LEU B 405 -2.19 4.87 19.88
N VAL B 406 -1.96 4.84 18.56
CA VAL B 406 -2.89 5.32 17.55
C VAL B 406 -3.31 4.19 16.65
N SER B 407 -4.60 4.11 16.40
CA SER B 407 -5.11 3.20 15.39
C SER B 407 -4.96 3.84 14.04
N PHE B 408 -3.97 3.39 13.28
CA PHE B 408 -3.67 3.98 11.98
C PHE B 408 -4.37 3.09 10.97
N SER B 409 -5.65 3.40 10.73
CA SER B 409 -6.58 2.43 10.17
C SER B 409 -6.40 2.18 8.68
N GLY B 410 -5.78 3.09 7.92
CA GLY B 410 -5.62 2.90 6.50
C GLY B 410 -4.70 3.93 5.89
N HIS B 411 -4.19 3.60 4.70
CA HIS B 411 -3.46 4.56 3.90
C HIS B 411 -4.43 5.24 2.93
N GLY B 412 -3.96 6.32 2.33
CA GLY B 412 -4.83 7.15 1.53
C GLY B 412 -4.66 7.07 0.03
N LEU B 413 -3.96 6.06 -0.46
CA LEU B 413 -3.55 6.09 -1.86
C LEU B 413 -4.72 6.01 -2.83
N LEU B 414 -5.79 5.33 -2.45
CA LEU B 414 -7.00 5.24 -3.25
C LEU B 414 -8.01 6.34 -2.94
N ASP B 415 -7.67 7.22 -1.99
CA ASP B 415 -8.55 8.31 -1.59
C ASP B 415 -7.93 9.67 -1.86
N LEU B 416 -6.93 9.72 -2.73
CA LEU B 416 -6.24 10.99 -2.98
C LEU B 416 -7.13 12.02 -3.67
N GLY B 417 -8.14 11.56 -4.43
CA GLY B 417 -9.13 12.48 -4.97
C GLY B 417 -9.90 13.20 -3.88
N ASN B 418 -10.31 12.47 -2.83
CA ASN B 418 -10.93 13.09 -1.67
C ASN B 418 -10.10 14.25 -1.12
N TYR B 419 -8.82 14.00 -0.85
CA TYR B 419 -7.92 15.04 -0.37
C TYR B 419 -7.85 16.22 -1.34
N ALA B 420 -7.71 15.92 -2.63
CA ALA B 420 -7.57 16.99 -3.62
C ALA B 420 -8.80 17.90 -3.64
N SER B 421 -9.98 17.34 -3.41
CA SER B 421 -11.18 18.17 -3.46
C SER B 421 -11.18 19.24 -2.37
N VAL B 422 -10.57 18.96 -1.23
CA VAL B 422 -10.50 19.92 -0.13
C VAL B 422 -9.23 20.76 -0.21
N LEU B 423 -8.11 20.13 -0.56
CA LEU B 423 -6.79 20.71 -0.35
C LEU B 423 -6.17 21.32 -1.60
N PHE B 424 -6.52 20.84 -2.79
CA PHE B 424 -5.84 21.27 -4.01
C PHE B 424 -6.85 21.90 -4.98
N LYS B 425 -7.50 22.96 -4.51
CA LYS B 425 -8.45 23.83 -5.24
C LYS B 425 -9.88 23.60 -4.72
C1 PEG C . 21.63 15.68 5.19
O1 PEG C . 22.51 15.89 6.27
C2 PEG C . 20.51 16.71 5.24
O2 PEG C . 20.07 16.97 6.54
C3 PEG C . 18.77 16.58 6.97
C4 PEG C . 17.60 17.02 6.09
O4 PEG C . 16.73 17.85 6.81
H11 PEG C . 21.27 14.79 5.26
H12 PEG C . 22.13 15.78 4.36
HO1 PEG C . 22.06 16.08 6.97
H21 PEG C . 20.82 17.53 4.85
H22 PEG C . 19.76 16.37 4.72
H31 PEG C . 18.77 15.60 7.01
H32 PEG C . 18.63 16.93 7.85
H41 PEG C . 17.93 17.50 5.32
H42 PEG C . 17.10 16.24 5.80
HO4 PEG C . 16.30 17.40 7.38
N1 PLP D . 8.67 -1.42 -11.42
C2 PLP D . 7.97 -0.38 -10.99
C2A PLP D . 6.86 -0.60 -9.93
C3 PLP D . 8.24 0.90 -11.53
O3 PLP D . 7.52 2.00 -11.12
C4 PLP D . 9.23 1.09 -12.48
C4A PLP D . 9.46 2.60 -12.95
C5 PLP D . 9.96 0.01 -12.89
C6 PLP D . 9.67 -1.26 -12.36
C5A PLP D . 11.11 0.03 -13.97
O4P PLP D . 12.19 0.80 -13.52
P PLP D . 13.66 0.34 -13.64
O1P PLP D . 14.22 0.07 -12.32
O2P PLP D . 14.44 1.51 -14.24
O3P PLP D . 13.84 -0.92 -14.44
H2A1 PLP D . 7.10 -1.35 -9.37
H2A2 PLP D . 6.02 -0.80 -10.38
H2A3 PLP D . 6.77 0.20 -9.40
HO3 PLP D . 7.86 2.33 -10.41
H4A PLP D . 9.77 2.66 -13.87
H6 PLP D . 10.14 -1.99 -12.65
H5A1 PLP D . 10.76 0.42 -14.79
H5A2 PLP D . 11.40 -0.87 -14.14
N1 PLP E . -10.53 4.02 8.52
C2 PLP E . -10.48 3.50 7.31
C2A PLP E . -9.16 3.53 6.49
C3 PLP E . -11.64 2.90 6.74
O3 PLP E . -11.61 2.34 5.47
C4 PLP E . -12.80 2.86 7.47
C4A PLP E . -14.10 2.17 6.82
C5 PLP E . -12.83 3.41 8.71
C6 PLP E . -11.71 4.00 9.26
C5A PLP E . -14.13 3.39 9.57
O4P PLP E . -13.91 2.22 10.33
P PLP E . -14.88 1.81 11.43
O1P PLP E . -14.82 2.86 12.54
O2P PLP E . -14.50 0.41 11.77
O3P PLP E . -16.24 1.71 10.91
H2A1 PLP E . -9.06 4.40 6.07
H2A2 PLP E . -9.18 2.84 5.83
H2A3 PLP E . -8.41 3.39 7.10
HO3 PLP E . -11.14 1.64 5.48
H4A PLP E . -14.57 2.79 6.24
H6 PLP E . -11.74 4.36 10.12
H5A1 PLP E . -14.22 4.17 10.12
H5A2 PLP E . -14.93 3.30 9.01
#